data_7T3Y
#
_entry.id   7T3Y
#
_cell.length_a   75.232
_cell.length_b   91.327
_cell.length_c   99.170
_cell.angle_alpha   90.00
_cell.angle_beta   90.00
_cell.angle_gamma   90.00
#
_symmetry.space_group_name_H-M   'P 21 21 21'
#
loop_
_entity.id
_entity.type
_entity.pdbx_description
1 polymer '3C-like proteinase'
2 non-polymer '(1R,2S)-1-hydroxy-2-{[N-({[7-(2-methylpropanoyl)-7-azaspiro[3.5]nonan-2-yl]oxy}carbonyl)-L-leucyl]amino}-3-[(3S)-2-oxopyrrolidin-3-yl]propane-1-sulfonic acid'
3 non-polymer '(1S,2S)-1-hydroxy-2-{[N-({[7-(2-methylpropanoyl)-7-azaspiro[3.5]nonan-2-yl]oxy}carbonyl)-L-leucyl]amino}-3-[(3S)-2-oxopyrrolidin-3-yl]propane-1-sulfonic acid'
4 water water
#
_entity_poly.entity_id   1
_entity_poly.type   'polypeptide(L)'
_entity_poly.pdbx_seq_one_letter_code
;MHHHHHHSGLVKMSHPSGDVEACMVQVTCGSMTLNGLWLDNTVWCPRHVMCPADQLSDPNYDALLISMTNHSFSVQKHIG
APANLRVVGHAMQGTLLKLTVDVANPSTPAYTFTTVKPGAAFSVLACYNGRPTGTFTVVMRPNYTIKGSFLCGSCGSVGY
TKEGSVINFCYMHQMELANGTHTGSAFDGTMYGAFMDKQVHQVQLTDKYCSVNVVAWLYAAILNGCAWFVKPNRTSVVSF
NEWALANQFTEFVGTQSVDMLAVKTGVAIEQLLYAIQQLYTGFQGKQILGSTMLEDEFTPEDVNMQIMGVVMQ
;
_entity_poly.pdbx_strand_id   A,B
#
loop_
_chem_comp.id
_chem_comp.type
_chem_comp.name
_chem_comp.formula
F5L non-polymer '(1R,2S)-1-hydroxy-2-{[N-({[7-(2-methylpropanoyl)-7-azaspiro[3.5]nonan-2-yl]oxy}carbonyl)-L-leucyl]amino}-3-[(3S)-2-oxopyrrolidin-3-yl]propane-1-sulfonic acid' 'C26 H44 N4 O9 S'
F8C non-polymer '(1S,2S)-1-hydroxy-2-{[N-({[7-(2-methylpropanoyl)-7-azaspiro[3.5]nonan-2-yl]oxy}carbonyl)-L-leucyl]amino}-3-[(3S)-2-oxopyrrolidin-3-yl]propane-1-sulfonic acid' 'C26 H44 N4 O9 S'
#
# COMPACT_ATOMS: atom_id res chain seq x y z
N HIS A 6 -13.79 16.62 0.88
CA HIS A 6 -13.86 15.68 -0.27
C HIS A 6 -13.03 14.40 -0.04
N HIS A 7 -11.81 14.57 0.47
CA HIS A 7 -10.90 13.44 0.70
C HIS A 7 -10.98 12.98 2.14
N SER A 8 -11.27 11.69 2.34
CA SER A 8 -11.55 11.17 3.68
C SER A 8 -10.31 10.99 4.54
N GLY A 9 -9.13 10.87 3.96
CA GLY A 9 -7.94 10.51 4.72
C GLY A 9 -7.79 9.03 4.97
N LEU A 10 -8.64 8.21 4.37
CA LEU A 10 -8.46 6.76 4.32
C LEU A 10 -7.60 6.43 3.11
N VAL A 11 -6.52 5.69 3.31
CA VAL A 11 -5.78 5.08 2.22
C VAL A 11 -5.60 3.63 2.59
N LYS A 12 -5.28 2.82 1.59
CA LYS A 12 -4.84 1.46 1.86
C LYS A 12 -3.46 1.57 2.49
N MET A 13 -3.34 1.29 3.77
CA MET A 13 -2.11 1.54 4.53
C MET A 13 -1.48 0.24 4.98
N SER A 14 -0.18 0.06 4.66
CA SER A 14 0.56 -1.15 5.04
C SER A 14 1.48 -0.86 6.22
N HIS A 15 1.90 -1.92 6.92
CA HIS A 15 2.97 -1.74 7.91
C HIS A 15 4.30 -1.52 7.19
N PRO A 16 5.19 -0.70 7.76
CA PRO A 16 6.59 -0.68 7.30
C PRO A 16 7.16 -2.09 7.26
N SER A 17 7.87 -2.41 6.19
CA SER A 17 8.21 -3.78 5.86
C SER A 17 9.65 -4.13 6.24
N GLY A 18 10.39 -3.22 6.87
CA GLY A 18 11.84 -3.44 7.04
C GLY A 18 12.14 -4.69 7.85
N ASP A 19 11.44 -4.88 8.95
CA ASP A 19 11.74 -6.01 9.82
C ASP A 19 11.57 -7.33 9.09
N VAL A 20 10.62 -7.37 8.16
CA VAL A 20 10.37 -8.59 7.40
C VAL A 20 11.32 -8.69 6.23
N GLU A 21 11.72 -7.56 5.63
CA GLU A 21 12.67 -7.64 4.51
C GLU A 21 13.94 -8.37 4.94
N ALA A 22 14.37 -8.15 6.18
CA ALA A 22 15.62 -8.70 6.65
C ALA A 22 15.56 -10.20 6.80
N CYS A 23 14.38 -10.83 6.61
CA CYS A 23 14.25 -12.25 6.84
C CYS A 23 14.07 -13.03 5.55
N MET A 24 13.88 -12.34 4.42
CA MET A 24 13.63 -13.00 3.16
C MET A 24 14.92 -13.54 2.58
N VAL A 25 14.84 -14.78 2.11
CA VAL A 25 15.90 -15.44 1.38
C VAL A 25 15.27 -16.12 0.18
N GLN A 26 16.14 -16.58 -0.70
CA GLN A 26 15.81 -17.46 -1.80
C GLN A 26 16.06 -18.90 -1.43
N VAL A 27 15.09 -19.77 -1.76
CA VAL A 27 15.19 -21.19 -1.54
C VAL A 27 15.06 -21.89 -2.89
N THR A 28 15.96 -22.83 -3.14
CA THR A 28 16.11 -23.51 -4.41
C THR A 28 16.23 -25.00 -4.12
N CYS A 29 15.55 -25.82 -4.90
CA CYS A 29 15.62 -27.27 -4.73
C CYS A 29 15.47 -27.89 -6.10
N GLY A 30 16.56 -28.46 -6.61
CA GLY A 30 16.54 -28.91 -7.99
C GLY A 30 16.41 -27.74 -8.94
N SER A 31 15.20 -27.52 -9.46
CA SER A 31 14.97 -26.51 -10.49
C SER A 31 13.92 -25.48 -10.13
N MET A 32 13.13 -25.69 -9.08
CA MET A 32 12.23 -24.64 -8.63
C MET A 32 13.02 -23.68 -7.74
N THR A 33 12.61 -22.41 -7.76
CA THR A 33 13.18 -21.41 -6.85
C THR A 33 12.05 -20.51 -6.40
N LEU A 34 11.91 -20.37 -5.10
CA LEU A 34 10.92 -19.46 -4.55
C LEU A 34 11.49 -18.83 -3.29
N ASN A 35 10.66 -18.09 -2.56
CA ASN A 35 11.11 -17.31 -1.42
C ASN A 35 10.93 -18.08 -0.12
N GLY A 36 11.77 -17.75 0.87
CA GLY A 36 11.62 -18.30 2.19
C GLY A 36 11.83 -17.23 3.24
N LEU A 37 11.36 -17.58 4.44
CA LEU A 37 11.37 -16.72 5.60
C LEU A 37 12.36 -17.32 6.61
N TRP A 38 13.38 -16.54 6.94
CA TRP A 38 14.55 -16.93 7.79
C TRP A 38 14.37 -16.30 9.16
N LEU A 39 14.01 -17.11 10.14
CA LEU A 39 13.80 -16.70 11.50
C LEU A 39 14.71 -17.58 12.36
N ASP A 40 15.55 -16.94 13.14
CA ASP A 40 16.47 -17.73 13.97
C ASP A 40 17.22 -18.73 13.08
N ASN A 41 17.14 -20.02 13.39
CA ASN A 41 17.84 -21.05 12.62
C ASN A 41 16.91 -21.80 11.68
N THR A 42 15.76 -21.23 11.35
CA THR A 42 14.75 -21.91 10.55
C THR A 42 14.51 -21.13 9.28
N VAL A 43 14.28 -21.83 8.17
CA VAL A 43 13.84 -21.18 6.95
C VAL A 43 12.53 -21.86 6.55
N TRP A 44 11.47 -21.07 6.46
CA TRP A 44 10.17 -21.56 6.06
C TRP A 44 10.00 -21.29 4.57
N CYS A 45 9.47 -22.28 3.84
CA CYS A 45 9.13 -22.07 2.45
C CYS A 45 8.03 -23.06 2.06
N PRO A 46 7.35 -22.81 0.95
CA PRO A 46 6.29 -23.74 0.53
C PRO A 46 6.87 -25.07 0.09
N ARG A 47 6.20 -26.15 0.49
CA ARG A 47 6.74 -27.47 0.17
C ARG A 47 6.77 -27.72 -1.33
N HIS A 48 5.97 -26.99 -2.15
CA HIS A 48 6.04 -27.36 -3.55
C HIS A 48 7.33 -26.94 -4.21
N VAL A 49 8.29 -26.37 -3.48
CA VAL A 49 9.62 -26.18 -4.05
C VAL A 49 10.24 -27.50 -4.44
N MET A 50 9.78 -28.59 -3.82
CA MET A 50 10.32 -29.93 -4.05
C MET A 50 9.90 -30.55 -5.38
N CYS A 51 9.03 -29.90 -6.13
CA CYS A 51 8.26 -30.57 -7.19
C CYS A 51 8.68 -30.09 -8.57
N PRO A 52 9.10 -30.97 -9.48
CA PRO A 52 9.39 -30.51 -10.86
C PRO A 52 8.14 -29.91 -11.50
N ALA A 53 8.36 -28.97 -12.41
CA ALA A 53 7.23 -28.43 -13.17
C ALA A 53 6.51 -29.54 -13.92
N ASP A 54 7.24 -30.59 -14.31
CA ASP A 54 6.62 -31.77 -14.88
C ASP A 54 5.30 -32.11 -14.21
N GLN A 55 5.31 -32.24 -12.89
CA GLN A 55 4.29 -33.02 -12.19
C GLN A 55 3.68 -32.22 -11.05
N LEU A 56 3.15 -31.05 -11.37
CA LEU A 56 2.56 -30.16 -10.38
C LEU A 56 1.10 -30.47 -10.02
N SER A 57 0.43 -31.44 -10.64
CA SER A 57 -0.83 -31.96 -10.10
C SER A 57 -0.62 -33.33 -9.42
N ASP A 58 -1.54 -33.66 -8.49
CA ASP A 58 -1.36 -34.71 -7.46
C ASP A 58 0.10 -35.05 -7.16
N PRO A 59 0.91 -34.06 -6.81
CA PRO A 59 2.28 -34.35 -6.38
C PRO A 59 2.29 -35.28 -5.18
N ASN A 60 3.28 -36.17 -5.13
CA ASN A 60 3.41 -37.09 -4.00
C ASN A 60 4.42 -36.45 -3.05
N TYR A 61 3.92 -35.69 -2.09
CA TYR A 61 4.79 -34.90 -1.24
C TYR A 61 5.56 -35.79 -0.27
N ASP A 62 4.92 -36.84 0.23
CA ASP A 62 5.62 -37.82 1.07
C ASP A 62 6.84 -38.36 0.35
N ALA A 63 6.66 -38.83 -0.88
CA ALA A 63 7.77 -39.42 -1.60
C ALA A 63 8.78 -38.38 -2.04
N LEU A 64 8.34 -37.16 -2.29
CA LEU A 64 9.30 -36.12 -2.62
C LEU A 64 10.23 -35.87 -1.42
N LEU A 65 9.65 -35.77 -0.23
CA LEU A 65 10.41 -35.43 0.97
C LEU A 65 11.43 -36.51 1.30
N ILE A 66 10.97 -37.75 1.49
CA ILE A 66 11.84 -38.92 1.62
C ILE A 66 12.95 -38.84 0.58
N SER A 67 12.60 -38.44 -0.65
CA SER A 67 13.58 -38.33 -1.71
C SER A 67 14.67 -37.31 -1.40
N MET A 68 14.44 -36.41 -0.44
CA MET A 68 15.31 -35.24 -0.31
C MET A 68 16.43 -35.49 0.68
N THR A 69 17.50 -34.71 0.53
CA THR A 69 18.51 -34.56 1.55
C THR A 69 18.79 -33.06 1.77
N ASN A 70 19.63 -32.77 2.76
CA ASN A 70 19.99 -31.39 3.05
C ASN A 70 20.71 -30.75 1.88
N HIS A 71 21.51 -31.52 1.13
CA HIS A 71 22.17 -30.95 -0.05
C HIS A 71 21.17 -30.63 -1.15
N SER A 72 19.93 -31.10 -1.04
CA SER A 72 18.92 -30.78 -2.04
C SER A 72 18.60 -29.29 -2.04
N PHE A 73 18.51 -28.71 -0.86
CA PHE A 73 18.05 -27.34 -0.68
C PHE A 73 19.23 -26.37 -0.65
N SER A 74 19.11 -25.28 -1.39
CA SER A 74 20.08 -24.20 -1.40
C SER A 74 19.37 -22.92 -0.99
N VAL A 75 19.92 -22.25 0.03
CA VAL A 75 19.37 -21.01 0.58
C VAL A 75 20.39 -19.91 0.38
N GLN A 76 19.99 -18.88 -0.37
CA GLN A 76 20.79 -17.70 -0.61
C GLN A 76 20.10 -16.49 0.02
N LYS A 77 20.89 -15.56 0.54
CA LYS A 77 20.38 -14.32 1.11
C LYS A 77 20.91 -13.19 0.24
N HIS A 78 20.03 -12.57 -0.55
CA HIS A 78 20.46 -11.54 -1.49
C HIS A 78 20.30 -10.12 -0.96
N ILE A 79 19.24 -9.84 -0.17
CA ILE A 79 18.95 -8.46 0.19
C ILE A 79 19.80 -8.01 1.40
N ALA A 83 24.84 -13.34 1.88
CA ALA A 83 25.34 -14.51 2.57
C ALA A 83 24.75 -15.77 1.92
N ASN A 84 25.37 -16.93 2.15
CA ASN A 84 24.79 -18.19 1.72
C ASN A 84 24.83 -19.14 2.91
N LEU A 85 23.81 -19.99 3.02
CA LEU A 85 23.55 -20.72 4.25
C LEU A 85 23.43 -22.21 3.98
N ARG A 86 23.87 -23.01 4.94
CA ARG A 86 23.90 -24.45 4.80
C ARG A 86 22.72 -25.07 5.53
N VAL A 87 21.87 -25.77 4.78
CA VAL A 87 20.81 -26.56 5.36
C VAL A 87 21.39 -27.82 6.02
N VAL A 88 20.95 -28.08 7.24
CA VAL A 88 21.47 -29.19 8.03
C VAL A 88 20.30 -29.96 8.64
N GLY A 89 19.09 -29.63 8.21
CA GLY A 89 17.93 -30.39 8.62
C GLY A 89 16.74 -29.97 7.79
N HIS A 90 15.78 -30.86 7.61
CA HIS A 90 14.59 -30.56 6.84
C HIS A 90 13.42 -31.39 7.33
N ALA A 91 12.26 -30.74 7.49
CA ALA A 91 11.02 -31.41 7.86
C ALA A 91 9.87 -30.76 7.10
N MET A 92 8.69 -31.37 7.15
CA MET A 92 7.51 -30.87 6.44
C MET A 92 6.41 -30.70 7.48
N GLN A 93 5.79 -29.52 7.52
CA GLN A 93 4.66 -29.22 8.38
C GLN A 93 3.48 -28.79 7.52
N GLY A 94 2.47 -29.64 7.39
CA GLY A 94 1.38 -29.30 6.49
C GLY A 94 1.96 -28.99 5.13
N THR A 95 1.67 -27.79 4.61
CA THR A 95 2.07 -27.42 3.25
C THR A 95 3.35 -26.59 3.22
N LEU A 96 4.10 -26.57 4.32
CA LEU A 96 5.34 -25.81 4.41
C LEU A 96 6.53 -26.72 4.70
N LEU A 97 7.70 -26.32 4.21
CA LEU A 97 8.97 -26.91 4.67
C LEU A 97 9.52 -26.08 5.82
N LYS A 98 10.11 -26.78 6.81
CA LYS A 98 10.87 -26.16 7.90
C LYS A 98 12.31 -26.60 7.68
N LEU A 99 13.13 -25.69 7.19
CA LEU A 99 14.53 -25.98 6.91
C LEU A 99 15.34 -25.47 8.09
N THR A 100 16.28 -26.26 8.54
CA THR A 100 17.21 -25.78 9.55
C THR A 100 18.51 -25.44 8.87
N VAL A 101 19.01 -24.24 9.13
CA VAL A 101 20.24 -23.73 8.54
C VAL A 101 21.24 -23.53 9.67
N ASP A 102 22.52 -23.36 9.32
CA ASP A 102 23.61 -23.36 10.32
C ASP A 102 23.75 -22.02 11.05
N VAL A 103 23.47 -20.90 10.39
CA VAL A 103 23.53 -19.57 10.98
C VAL A 103 22.13 -19.14 11.41
N ALA A 104 22.05 -18.49 12.58
CA ALA A 104 20.82 -17.81 12.99
C ALA A 104 20.73 -16.45 12.32
N ASN A 105 19.52 -16.05 11.97
CA ASN A 105 19.33 -14.73 11.40
C ASN A 105 19.64 -13.72 12.49
N PRO A 106 20.62 -12.84 12.31
CA PRO A 106 20.94 -11.88 13.38
C PRO A 106 19.89 -10.78 13.52
N SER A 107 18.99 -10.69 12.53
CA SER A 107 18.02 -9.62 12.40
C SER A 107 16.59 -10.15 12.51
N THR A 108 16.40 -11.23 13.26
CA THR A 108 15.11 -11.80 13.57
C THR A 108 14.33 -10.86 14.48
N PRO A 109 13.24 -10.26 14.02
CA PRO A 109 12.43 -9.44 14.93
C PRO A 109 11.70 -10.30 15.94
N ALA A 110 11.24 -9.65 17.00
CA ALA A 110 10.29 -10.29 17.89
C ALA A 110 9.06 -10.65 17.09
N TYR A 111 8.58 -11.87 17.25
CA TYR A 111 7.49 -12.34 16.38
C TYR A 111 6.66 -13.39 17.08
N THR A 112 5.47 -13.61 16.55
CA THR A 112 4.59 -14.72 16.86
C THR A 112 3.99 -15.19 15.54
N PHE A 113 3.28 -16.31 15.60
CA PHE A 113 2.54 -16.82 14.46
C PHE A 113 1.08 -16.71 14.79
N THR A 114 0.28 -16.28 13.82
CA THR A 114 -1.13 -16.12 14.08
C THR A 114 -1.89 -16.45 12.81
N THR A 115 -3.16 -16.77 13.00
CA THR A 115 -4.07 -17.09 11.91
C THR A 115 -5.09 -15.97 11.81
N VAL A 116 -5.23 -15.38 10.61
CA VAL A 116 -6.14 -14.25 10.45
C VAL A 116 -7.50 -14.81 10.11
N LYS A 117 -8.52 -14.13 10.55
CA LYS A 117 -9.90 -14.45 10.33
C LYS A 117 -10.48 -13.57 9.23
N PRO A 118 -11.54 -14.02 8.53
CA PRO A 118 -12.21 -13.14 7.58
C PRO A 118 -12.47 -11.76 8.14
N GLY A 119 -12.25 -10.77 7.30
CA GLY A 119 -12.45 -9.41 7.67
C GLY A 119 -11.19 -8.69 8.07
N ALA A 120 -10.17 -9.43 8.51
CA ALA A 120 -8.95 -8.83 9.06
C ALA A 120 -7.94 -8.46 7.96
N ALA A 121 -7.34 -7.28 8.13
CA ALA A 121 -6.31 -6.76 7.24
C ALA A 121 -4.92 -7.26 7.62
N PHE A 122 -4.09 -7.57 6.63
CA PHE A 122 -2.69 -7.86 6.90
C PHE A 122 -1.85 -7.31 5.77
N SER A 123 -0.56 -7.06 6.07
CA SER A 123 0.38 -6.55 5.08
C SER A 123 1.05 -7.70 4.36
N VAL A 124 1.36 -7.53 3.09
CA VAL A 124 2.07 -8.51 2.32
C VAL A 124 3.34 -7.89 1.77
N LEU A 125 4.44 -8.63 1.83
CA LEU A 125 5.72 -8.29 1.20
C LEU A 125 5.93 -9.25 0.02
N ALA A 126 5.55 -8.80 -1.18
CA ALA A 126 5.78 -9.60 -2.38
C ALA A 126 7.26 -9.63 -2.72
N CYS A 127 7.78 -10.84 -2.93
CA CYS A 127 9.20 -11.08 -3.21
C CYS A 127 9.35 -12.00 -4.41
N TYR A 128 10.39 -11.74 -5.20
CA TYR A 128 10.80 -12.61 -6.30
C TYR A 128 12.27 -12.92 -6.17
N ASN A 129 12.61 -14.22 -6.13
CA ASN A 129 14.02 -14.65 -6.07
C ASN A 129 14.71 -14.20 -4.78
N GLY A 130 13.95 -14.08 -3.71
CA GLY A 130 14.50 -13.63 -2.45
C GLY A 130 14.66 -12.14 -2.32
N ARG A 131 14.25 -11.36 -3.32
CA ARG A 131 14.38 -9.90 -3.29
C ARG A 131 13.00 -9.28 -3.09
N PRO A 132 12.84 -8.48 -2.03
CA PRO A 132 11.56 -7.81 -1.81
C PRO A 132 11.29 -6.78 -2.89
N THR A 133 10.07 -6.78 -3.42
CA THR A 133 9.77 -5.91 -4.57
C THR A 133 8.58 -4.97 -4.36
N GLY A 134 7.63 -5.33 -3.52
CA GLY A 134 6.57 -4.39 -3.20
C GLY A 134 5.81 -4.83 -1.97
N THR A 135 5.03 -3.90 -1.43
CA THR A 135 4.21 -4.19 -0.28
C THR A 135 2.83 -3.58 -0.50
N PHE A 136 1.85 -4.26 0.06
CA PHE A 136 0.43 -3.92 -0.10
C PHE A 136 -0.32 -4.59 1.03
N THR A 137 -1.57 -4.18 1.20
CA THR A 137 -2.41 -4.67 2.29
C THR A 137 -3.67 -5.27 1.70
N VAL A 138 -4.09 -6.41 2.26
CA VAL A 138 -5.29 -7.12 1.82
C VAL A 138 -6.16 -7.45 3.01
N VAL A 139 -7.41 -7.80 2.72
CA VAL A 139 -8.35 -8.31 3.71
C VAL A 139 -8.54 -9.78 3.40
N MET A 140 -8.52 -10.64 4.43
CA MET A 140 -8.80 -12.04 4.15
C MET A 140 -10.29 -12.13 3.80
N ARG A 141 -10.59 -12.66 2.64
CA ARG A 141 -12.00 -12.66 2.22
C ARG A 141 -12.78 -13.73 3.00
N PRO A 142 -14.10 -13.58 3.10
CA PRO A 142 -14.89 -14.64 3.75
C PRO A 142 -14.81 -16.00 3.10
N ASN A 143 -14.34 -16.14 1.85
CA ASN A 143 -14.13 -17.43 1.23
C ASN A 143 -12.68 -17.83 1.31
N TYR A 144 -11.91 -17.17 2.19
CA TYR A 144 -10.53 -17.56 2.52
C TYR A 144 -9.61 -17.42 1.32
N THR A 145 -9.85 -16.39 0.51
CA THR A 145 -8.93 -15.98 -0.54
C THR A 145 -8.54 -14.54 -0.24
N ILE A 146 -7.52 -14.05 -0.93
CA ILE A 146 -7.20 -12.63 -0.86
C ILE A 146 -7.04 -12.09 -2.27
N LYS A 147 -7.34 -10.79 -2.41
CA LYS A 147 -7.26 -10.10 -3.68
C LYS A 147 -5.90 -9.41 -3.79
N GLY A 148 -4.90 -10.19 -4.17
CA GLY A 148 -3.53 -9.75 -4.13
C GLY A 148 -2.95 -9.48 -5.50
N SER A 149 -1.62 -9.38 -5.53
CA SER A 149 -0.87 -9.14 -6.76
C SER A 149 0.35 -10.04 -6.69
N PHE A 150 0.27 -11.18 -7.34
CA PHE A 150 1.29 -12.21 -7.22
C PHE A 150 1.52 -12.80 -8.61
N LEU A 151 2.79 -12.95 -9.00
CA LEU A 151 3.18 -13.52 -10.29
C LEU A 151 4.02 -14.77 -10.07
N CYS A 152 4.37 -15.44 -11.18
CA CYS A 152 5.22 -16.60 -11.06
C CYS A 152 6.47 -16.20 -10.30
N GLY A 153 6.86 -17.01 -9.32
CA GLY A 153 8.03 -16.70 -8.54
C GLY A 153 7.76 -16.02 -7.22
N SER A 154 6.50 -15.63 -6.94
CA SER A 154 6.14 -14.96 -5.71
C SER A 154 5.91 -15.89 -4.52
N CYS A 155 5.82 -17.20 -4.74
CA CYS A 155 5.51 -18.08 -3.63
C CYS A 155 6.60 -17.98 -2.56
N GLY A 156 6.19 -18.09 -1.29
CA GLY A 156 7.07 -17.75 -0.18
C GLY A 156 6.98 -16.33 0.31
N SER A 157 6.38 -15.43 -0.49
CA SER A 157 6.07 -14.10 0.01
C SER A 157 5.19 -14.23 1.23
N VAL A 158 5.37 -13.32 2.18
CA VAL A 158 4.72 -13.48 3.47
C VAL A 158 3.86 -12.27 3.80
N GLY A 159 2.87 -12.55 4.61
CA GLY A 159 1.97 -11.54 5.08
C GLY A 159 1.99 -11.55 6.60
N TYR A 160 1.77 -10.39 7.19
CA TYR A 160 1.93 -10.21 8.62
C TYR A 160 1.13 -9.02 9.11
N THR A 161 0.81 -9.04 10.40
CA THR A 161 0.33 -7.90 11.15
C THR A 161 1.38 -7.56 12.22
N LYS A 162 1.09 -6.49 12.96
CA LYS A 162 1.97 -5.98 14.01
C LYS A 162 1.12 -5.71 15.25
N GLU A 163 1.57 -6.20 16.40
CA GLU A 163 1.06 -5.79 17.72
C GLU A 163 2.24 -5.14 18.43
N GLY A 164 2.18 -3.83 18.66
CA GLY A 164 3.37 -3.14 19.15
C GLY A 164 4.46 -3.20 18.08
N SER A 165 5.68 -3.54 18.50
CA SER A 165 6.77 -3.80 17.57
C SER A 165 6.90 -5.29 17.24
N VAL A 166 6.01 -6.11 17.79
CA VAL A 166 5.97 -7.54 17.52
C VAL A 166 5.38 -7.77 16.13
N ILE A 167 6.01 -8.64 15.33
CA ILE A 167 5.47 -9.03 14.04
C ILE A 167 4.69 -10.32 14.22
N ASN A 168 3.46 -10.36 13.72
CA ASN A 168 2.65 -11.58 13.78
C ASN A 168 2.53 -12.10 12.37
N PHE A 169 3.27 -13.17 12.10
CA PHE A 169 3.31 -13.73 10.76
C PHE A 169 2.08 -14.58 10.55
N CYS A 170 1.35 -14.31 9.47
CA CYS A 170 0.09 -14.98 9.30
C CYS A 170 -0.12 -15.64 7.95
N TYR A 171 0.78 -15.44 7.00
CA TYR A 171 0.48 -15.92 5.65
C TYR A 171 1.75 -16.18 4.90
N MET A 172 1.80 -17.27 4.14
CA MET A 172 2.87 -17.45 3.16
C MET A 172 2.27 -17.90 1.82
N HIS A 173 2.58 -17.15 0.77
CA HIS A 173 1.86 -17.30 -0.49
C HIS A 173 2.15 -18.62 -1.17
N GLN A 174 1.06 -19.26 -1.70
CA GLN A 174 1.11 -20.57 -2.37
C GLN A 174 0.53 -20.61 -3.80
N MET A 175 -0.53 -19.87 -4.09
CA MET A 175 -1.15 -20.19 -5.39
C MET A 175 -2.15 -19.12 -5.77
N GLU A 176 -2.55 -19.19 -7.04
CA GLU A 176 -3.61 -18.33 -7.55
C GLU A 176 -4.78 -19.19 -8.03
N LEU A 177 -6.00 -18.72 -7.76
CA LEU A 177 -7.20 -19.50 -7.99
C LEU A 177 -7.79 -19.14 -9.35
N ALA A 178 -8.87 -19.87 -9.70
CA ALA A 178 -9.52 -19.71 -10.99
C ALA A 178 -9.91 -18.26 -11.28
N ASN A 179 -10.47 -17.58 -10.29
CA ASN A 179 -10.97 -16.23 -10.48
C ASN A 179 -9.92 -15.11 -10.25
N GLY A 180 -8.63 -15.42 -10.22
CA GLY A 180 -7.61 -14.38 -10.06
C GLY A 180 -7.21 -14.08 -8.62
N THR A 181 -7.91 -14.62 -7.64
CA THR A 181 -7.56 -14.36 -6.24
C THR A 181 -6.51 -15.39 -5.80
N HIS A 182 -6.13 -15.30 -4.54
CA HIS A 182 -4.93 -15.99 -4.12
C HIS A 182 -5.15 -16.66 -2.78
N THR A 183 -4.33 -17.66 -2.48
CA THR A 183 -4.30 -18.17 -1.13
C THR A 183 -2.93 -18.73 -0.79
N GLY A 184 -2.78 -18.98 0.50
CA GLY A 184 -1.51 -19.39 1.06
C GLY A 184 -1.73 -20.11 2.37
N SER A 185 -0.63 -20.36 3.07
CA SER A 185 -0.62 -21.13 4.31
C SER A 185 -0.47 -20.22 5.52
N ALA A 186 -1.02 -20.66 6.63
CA ALA A 186 -0.64 -20.10 7.91
C ALA A 186 0.63 -20.84 8.33
N PHE A 187 1.33 -20.31 9.32
CA PHE A 187 2.63 -20.93 9.59
C PHE A 187 2.50 -22.19 10.43
N ASP A 188 1.29 -22.56 10.85
CA ASP A 188 1.07 -23.91 11.31
C ASP A 188 0.99 -24.92 10.19
N GLY A 189 1.18 -24.48 8.94
CA GLY A 189 1.21 -25.38 7.79
C GLY A 189 -0.11 -25.57 7.09
N THR A 190 -1.19 -25.04 7.63
CA THR A 190 -2.50 -25.24 7.04
C THR A 190 -2.81 -24.15 6.02
N MET A 191 -3.56 -24.53 4.99
CA MET A 191 -3.92 -23.62 3.92
C MET A 191 -5.23 -22.94 4.27
N TYR A 192 -5.24 -21.63 4.26
CA TYR A 192 -6.49 -20.91 4.40
C TYR A 192 -7.50 -21.46 3.38
N GLY A 193 -8.72 -21.71 3.84
CA GLY A 193 -9.78 -22.19 2.94
C GLY A 193 -9.71 -23.66 2.57
N ALA A 194 -8.83 -24.43 3.20
CA ALA A 194 -8.70 -25.86 2.91
C ALA A 194 -8.20 -26.15 1.51
N PHE A 195 -7.79 -25.13 0.74
CA PHE A 195 -7.29 -25.36 -0.60
C PHE A 195 -6.07 -26.29 -0.60
N MET A 196 -5.94 -27.07 -1.68
CA MET A 196 -4.84 -28.02 -1.83
C MET A 196 -3.65 -27.38 -2.56
N ASP A 197 -2.44 -27.59 -2.05
CA ASP A 197 -1.26 -27.09 -2.78
C ASP A 197 -0.92 -28.09 -3.90
N LYS A 198 -1.88 -28.21 -4.82
CA LYS A 198 -1.77 -28.98 -6.05
C LYS A 198 -2.34 -28.13 -7.18
N GLN A 199 -1.80 -28.29 -8.39
CA GLN A 199 -2.18 -27.38 -9.47
C GLN A 199 -3.37 -28.00 -10.21
N VAL A 200 -4.54 -27.87 -9.59
CA VAL A 200 -5.80 -28.37 -10.12
C VAL A 200 -6.89 -27.38 -9.82
N HIS A 201 -7.90 -27.31 -10.70
CA HIS A 201 -8.98 -26.36 -10.47
C HIS A 201 -9.66 -26.68 -9.14
N GLN A 202 -10.09 -25.63 -8.45
CA GLN A 202 -10.68 -25.80 -7.13
C GLN A 202 -11.73 -24.73 -6.94
N VAL A 203 -12.81 -25.12 -6.26
CA VAL A 203 -14.01 -24.30 -6.18
C VAL A 203 -13.80 -23.25 -5.11
N GLN A 204 -13.70 -21.99 -5.52
CA GLN A 204 -13.81 -20.90 -4.56
C GLN A 204 -15.26 -20.80 -4.11
N LEU A 205 -15.47 -20.69 -2.79
CA LEU A 205 -16.78 -20.35 -2.28
C LEU A 205 -17.16 -18.92 -2.64
N THR A 206 -18.47 -18.66 -2.65
CA THR A 206 -18.96 -17.32 -2.92
C THR A 206 -18.45 -16.35 -1.87
N ASP A 207 -17.97 -15.21 -2.34
CA ASP A 207 -17.56 -14.14 -1.45
C ASP A 207 -18.79 -13.57 -0.74
N LYS A 208 -18.56 -12.89 0.38
CA LYS A 208 -19.60 -12.16 1.09
C LYS A 208 -19.05 -10.80 1.51
N TYR A 209 -19.93 -9.89 1.89
CA TYR A 209 -19.49 -8.62 2.45
C TYR A 209 -19.09 -8.74 3.92
N CYS A 210 -18.00 -8.09 4.32
CA CYS A 210 -17.54 -8.06 5.72
C CYS A 210 -18.29 -6.95 6.47
N SER A 211 -19.31 -7.38 7.24
CA SER A 211 -20.24 -6.43 7.83
C SER A 211 -19.54 -5.44 8.73
N VAL A 212 -18.67 -5.92 9.62
CA VAL A 212 -18.05 -5.00 10.57
C VAL A 212 -17.20 -3.99 9.83
N ASN A 213 -16.58 -4.39 8.72
CA ASN A 213 -15.82 -3.41 7.95
C ASN A 213 -16.73 -2.39 7.26
N VAL A 214 -17.89 -2.85 6.76
CA VAL A 214 -18.85 -1.90 6.20
C VAL A 214 -19.26 -0.89 7.26
N VAL A 215 -19.53 -1.38 8.47
CA VAL A 215 -19.87 -0.52 9.60
C VAL A 215 -18.74 0.47 9.88
N ALA A 216 -17.50 -0.03 9.93
CA ALA A 216 -16.37 0.85 10.16
C ALA A 216 -16.27 1.91 9.08
N TRP A 217 -16.57 1.53 7.81
CA TRP A 217 -16.50 2.50 6.72
C TRP A 217 -17.59 3.57 6.83
N LEU A 218 -18.81 3.17 7.18
CA LEU A 218 -19.85 4.17 7.39
C LEU A 218 -19.48 5.11 8.55
N TYR A 219 -18.87 4.56 9.61
CA TYR A 219 -18.38 5.45 10.68
C TYR A 219 -17.33 6.43 10.15
N ALA A 220 -16.40 5.92 9.33
CA ALA A 220 -15.48 6.81 8.64
C ALA A 220 -16.22 7.91 7.91
N ALA A 221 -17.25 7.55 7.12
CA ALA A 221 -18.05 8.55 6.42
C ALA A 221 -18.58 9.60 7.38
N ILE A 222 -19.16 9.16 8.49
CA ILE A 222 -19.75 10.12 9.43
C ILE A 222 -18.68 11.05 9.99
N LEU A 223 -17.53 10.49 10.36
CA LEU A 223 -16.46 11.33 10.90
C LEU A 223 -16.06 12.41 9.92
N ASN A 224 -16.17 12.14 8.61
CA ASN A 224 -15.90 13.17 7.62
C ASN A 224 -17.13 14.02 7.33
N GLY A 225 -18.18 13.91 8.15
CA GLY A 225 -19.38 14.70 8.00
C GLY A 225 -20.39 14.16 7.02
N CYS A 226 -19.98 13.28 6.11
CA CYS A 226 -20.93 12.66 5.20
C CYS A 226 -21.78 11.69 6.03
N ALA A 227 -22.99 12.12 6.45
CA ALA A 227 -23.83 11.34 7.35
C ALA A 227 -25.30 11.28 6.91
N TRP A 228 -25.60 11.61 5.65
CA TRP A 228 -26.98 11.65 5.19
C TRP A 228 -27.70 10.32 5.38
N PHE A 229 -27.00 9.20 5.18
CA PHE A 229 -27.56 7.85 5.35
C PHE A 229 -27.93 7.54 6.80
N VAL A 230 -27.71 8.48 7.72
CA VAL A 230 -27.96 8.24 9.13
C VAL A 230 -29.37 8.69 9.44
N LYS A 231 -30.23 7.74 9.70
CA LYS A 231 -31.59 7.98 10.14
C LYS A 231 -31.71 7.46 11.56
N PRO A 232 -32.69 7.94 12.33
CA PRO A 232 -32.84 7.44 13.69
C PRO A 232 -33.27 6.01 13.71
N ASN A 233 -33.74 5.50 12.57
CA ASN A 233 -34.11 4.10 12.46
C ASN A 233 -32.94 3.21 12.86
N ARG A 234 -33.26 2.15 13.60
CA ARG A 234 -32.27 1.24 14.17
C ARG A 234 -32.65 -0.19 13.85
N THR A 235 -31.63 -1.05 13.77
CA THR A 235 -31.80 -2.47 13.53
C THR A 235 -30.94 -3.24 14.51
N SER A 236 -31.49 -4.32 15.06
CA SER A 236 -30.78 -5.08 16.09
C SER A 236 -29.65 -5.88 15.48
N VAL A 237 -28.85 -6.50 16.34
CA VAL A 237 -27.74 -7.33 15.86
C VAL A 237 -28.26 -8.68 15.39
N VAL A 238 -28.96 -9.42 16.25
CA VAL A 238 -29.37 -10.78 15.90
C VAL A 238 -30.35 -10.79 14.72
N SER A 239 -31.06 -9.69 14.48
CA SER A 239 -31.92 -9.64 13.30
C SER A 239 -31.11 -9.40 12.03
N PHE A 240 -30.30 -8.33 12.03
CA PHE A 240 -29.35 -8.11 10.94
C PHE A 240 -28.62 -9.40 10.59
N ASN A 241 -28.15 -10.12 11.61
CA ASN A 241 -27.50 -11.40 11.36
C ASN A 241 -28.46 -12.40 10.73
N GLU A 242 -29.74 -12.32 11.11
CA GLU A 242 -30.74 -13.11 10.38
C GLU A 242 -30.74 -12.72 8.91
N TRP A 243 -30.85 -11.42 8.63
CA TRP A 243 -30.95 -10.96 7.25
C TRP A 243 -29.70 -11.31 6.44
N ALA A 244 -28.52 -11.30 7.08
CA ALA A 244 -27.28 -11.44 6.34
C ALA A 244 -27.07 -12.86 5.81
N LEU A 245 -27.63 -13.86 6.46
CA LEU A 245 -27.42 -15.22 5.98
C LEU A 245 -27.99 -15.43 4.58
N ALA A 246 -29.03 -14.69 4.22
CA ALA A 246 -29.64 -14.85 2.91
C ALA A 246 -29.17 -13.82 1.89
N ASN A 247 -28.42 -12.81 2.33
CA ASN A 247 -28.05 -11.70 1.46
C ASN A 247 -26.54 -11.52 1.36
N GLN A 248 -25.80 -12.61 1.40
CA GLN A 248 -24.37 -12.61 1.08
C GLN A 248 -23.56 -11.66 1.98
N PHE A 249 -23.95 -11.57 3.25
CA PHE A 249 -23.21 -10.86 4.29
C PHE A 249 -22.70 -11.83 5.34
N THR A 250 -21.74 -11.37 6.17
CA THR A 250 -21.25 -12.14 7.31
C THR A 250 -21.85 -11.58 8.60
N GLU A 251 -21.81 -12.38 9.66
CA GLU A 251 -22.30 -11.94 10.96
C GLU A 251 -21.63 -10.64 11.37
N PHE A 252 -22.39 -9.74 12.01
CA PHE A 252 -21.79 -8.60 12.69
C PHE A 252 -21.40 -9.01 14.10
N VAL A 253 -20.25 -8.50 14.53
CA VAL A 253 -19.68 -8.72 15.85
C VAL A 253 -18.98 -7.45 16.25
N GLY A 254 -19.56 -6.72 17.18
CA GLY A 254 -18.89 -5.57 17.72
C GLY A 254 -17.55 -5.96 18.30
N THR A 255 -16.78 -4.91 18.54
CA THR A 255 -15.45 -5.00 19.13
C THR A 255 -15.24 -3.66 19.81
N GLN A 256 -14.27 -3.59 20.73
CA GLN A 256 -13.98 -2.32 21.36
C GLN A 256 -13.69 -1.26 20.31
N SER A 257 -13.02 -1.66 19.23
CA SER A 257 -12.69 -0.71 18.16
C SER A 257 -13.96 -0.14 17.53
N VAL A 258 -14.91 -1.00 17.18
CA VAL A 258 -16.19 -0.49 16.68
C VAL A 258 -16.81 0.44 17.72
N ASP A 259 -16.77 0.04 19.01
CA ASP A 259 -17.43 0.83 20.04
C ASP A 259 -16.84 2.22 20.16
N MET A 260 -15.49 2.34 20.11
CA MET A 260 -14.88 3.67 20.10
C MET A 260 -15.48 4.52 18.99
N LEU A 261 -15.71 3.92 17.82
CA LEU A 261 -16.28 4.69 16.72
C LEU A 261 -17.69 5.15 17.06
N ALA A 262 -18.49 4.27 17.66
CA ALA A 262 -19.86 4.68 17.99
C ALA A 262 -19.85 5.89 18.90
N VAL A 263 -18.82 6.00 19.74
CA VAL A 263 -18.81 6.98 20.81
C VAL A 263 -18.27 8.33 20.36
N LYS A 264 -17.29 8.35 19.45
CA LYS A 264 -16.80 9.64 18.99
C LYS A 264 -17.77 10.30 18.03
N THR A 265 -18.58 9.50 17.33
CA THR A 265 -19.59 10.02 16.42
C THR A 265 -21.00 9.93 16.99
N GLY A 266 -21.19 9.31 18.14
CA GLY A 266 -22.51 9.22 18.73
C GLY A 266 -23.54 8.80 17.70
N VAL A 267 -23.22 7.71 16.99
CA VAL A 267 -24.10 7.02 16.07
C VAL A 267 -23.95 5.53 16.38
N ALA A 268 -25.05 4.90 16.77
CA ALA A 268 -24.95 3.56 17.30
C ALA A 268 -24.93 2.55 16.18
N ILE A 269 -24.18 1.48 16.43
CA ILE A 269 -24.00 0.38 15.50
C ILE A 269 -25.32 0.17 14.77
N GLU A 270 -26.41 0.12 15.54
CA GLU A 270 -27.68 -0.36 15.02
C GLU A 270 -28.31 0.60 14.01
N GLN A 271 -28.10 1.91 14.15
CA GLN A 271 -28.48 2.80 13.06
C GLN A 271 -27.80 2.39 11.76
N LEU A 272 -26.53 1.97 11.85
CA LEU A 272 -25.74 1.62 10.69
C LEU A 272 -26.12 0.24 10.15
N LEU A 273 -26.44 -0.70 11.02
CA LEU A 273 -26.96 -1.97 10.52
C LEU A 273 -28.23 -1.73 9.73
N TYR A 274 -29.04 -0.78 10.19
CA TYR A 274 -30.23 -0.41 9.44
C TYR A 274 -29.83 0.22 8.12
N ALA A 275 -28.88 1.17 8.18
CA ALA A 275 -28.41 1.83 6.96
C ALA A 275 -27.93 0.81 5.93
N ILE A 276 -27.19 -0.22 6.36
CA ILE A 276 -26.67 -1.21 5.41
C ILE A 276 -27.81 -1.93 4.70
N GLN A 277 -28.89 -2.22 5.42
CA GLN A 277 -29.99 -2.92 4.79
C GLN A 277 -30.64 -2.08 3.71
N GLN A 278 -30.79 -0.78 3.97
CA GLN A 278 -31.21 0.16 2.94
C GLN A 278 -30.17 0.28 1.84
N LEU A 279 -28.89 0.42 2.22
CA LEU A 279 -27.85 0.74 1.25
C LEU A 279 -27.50 -0.45 0.37
N TYR A 280 -27.62 -1.68 0.88
CA TYR A 280 -27.47 -2.86 0.02
C TYR A 280 -28.39 -2.79 -1.20
N THR A 281 -29.51 -2.06 -1.09
CA THR A 281 -30.45 -1.96 -2.21
C THR A 281 -30.03 -0.89 -3.22
N GLY A 282 -29.39 0.18 -2.75
CA GLY A 282 -28.92 1.23 -3.61
C GLY A 282 -28.67 2.48 -2.79
N PHE A 283 -27.67 3.28 -3.18
CA PHE A 283 -27.50 4.61 -2.59
C PHE A 283 -28.56 5.58 -3.09
N GLN A 284 -29.28 5.19 -4.13
CA GLN A 284 -30.50 5.89 -4.53
C GLN A 284 -30.18 7.32 -4.91
N GLY A 285 -29.16 7.47 -5.76
CA GLY A 285 -28.76 8.75 -6.27
C GLY A 285 -27.64 9.42 -5.52
N LYS A 286 -27.35 8.97 -4.32
CA LYS A 286 -26.36 9.65 -3.48
C LYS A 286 -25.00 8.95 -3.55
N GLN A 287 -23.96 9.66 -3.11
CA GLN A 287 -22.61 9.12 -2.91
C GLN A 287 -22.30 9.03 -1.42
N ILE A 288 -21.49 8.03 -1.04
CA ILE A 288 -20.85 7.97 0.28
C ILE A 288 -19.35 7.88 0.04
N LEU A 289 -18.61 8.92 0.45
CA LEU A 289 -17.17 8.94 0.36
C LEU A 289 -16.75 8.62 -1.06
N GLY A 290 -17.50 9.19 -2.01
CA GLY A 290 -17.17 9.09 -3.41
C GLY A 290 -17.46 7.75 -4.03
N SER A 291 -18.14 6.88 -3.34
CA SER A 291 -18.51 5.59 -3.87
C SER A 291 -20.02 5.42 -3.94
N THR A 292 -20.44 4.59 -4.87
CA THR A 292 -21.85 4.22 -4.99
C THR A 292 -22.12 2.83 -4.46
N MET A 293 -21.08 2.12 -4.04
CA MET A 293 -21.20 0.78 -3.46
C MET A 293 -20.59 0.78 -2.06
N LEU A 294 -21.05 -0.16 -1.25
CA LEU A 294 -20.49 -0.33 0.08
C LEU A 294 -19.06 -0.80 -0.06
N GLU A 295 -18.24 -0.42 0.91
CA GLU A 295 -16.81 -0.72 0.94
C GLU A 295 -16.52 -1.55 2.19
N ASP A 296 -15.93 -2.74 2.00
CA ASP A 296 -15.71 -3.65 3.12
C ASP A 296 -14.22 -3.94 3.35
N GLU A 297 -13.31 -3.11 2.85
CA GLU A 297 -11.88 -3.36 2.88
C GLU A 297 -11.17 -2.51 3.93
N PHE A 298 -11.90 -1.73 4.73
CA PHE A 298 -11.33 -0.94 5.81
C PHE A 298 -11.93 -1.43 7.11
N THR A 299 -11.03 -1.67 8.11
CA THR A 299 -11.42 -2.23 9.40
C THR A 299 -11.69 -1.12 10.39
N PRO A 300 -12.42 -1.42 11.46
CA PRO A 300 -12.56 -0.44 12.54
C PRO A 300 -11.20 0.07 13.01
N GLU A 301 -10.21 -0.80 13.02
CA GLU A 301 -8.87 -0.39 13.47
C GLU A 301 -8.25 0.58 12.46
N ASP A 302 -8.36 0.28 11.15
CA ASP A 302 -7.88 1.22 10.15
C ASP A 302 -8.46 2.61 10.38
N VAL A 303 -9.76 2.70 10.67
CA VAL A 303 -10.41 4.00 10.72
C VAL A 303 -10.01 4.73 11.99
N ASN A 304 -10.02 4.03 13.11
CA ASN A 304 -9.50 4.62 14.35
C ASN A 304 -8.09 5.17 14.16
N MET A 305 -7.21 4.41 13.52
CA MET A 305 -5.79 4.83 13.45
C MET A 305 -5.58 5.95 12.44
N GLN A 306 -6.15 5.82 11.25
CA GLN A 306 -5.88 6.81 10.21
C GLN A 306 -6.59 8.13 10.47
N ILE A 307 -7.80 8.08 11.02
CA ILE A 307 -8.61 9.29 11.14
C ILE A 307 -8.52 9.88 12.55
N MET A 308 -8.31 9.02 13.54
CA MET A 308 -8.22 9.48 14.92
C MET A 308 -6.91 9.18 15.62
N GLY A 309 -6.05 8.34 15.05
CA GLY A 309 -4.73 8.13 15.62
C GLY A 309 -4.69 7.39 16.94
N VAL A 310 -5.30 6.22 17.00
CA VAL A 310 -5.13 5.36 18.17
C VAL A 310 -3.95 4.40 17.96
N HIS B 5 -9.66 -14.79 -13.68
CA HIS B 5 -9.13 -13.47 -13.24
C HIS B 5 -10.18 -12.34 -13.33
N HIS B 6 -11.38 -12.61 -12.79
CA HIS B 6 -12.28 -11.53 -12.40
C HIS B 6 -11.59 -10.55 -11.44
N HIS B 7 -10.69 -11.04 -10.54
CA HIS B 7 -9.78 -10.12 -9.87
C HIS B 7 -8.75 -9.66 -10.90
N SER B 8 -8.56 -8.34 -11.02
CA SER B 8 -7.57 -7.75 -11.94
C SER B 8 -6.12 -8.15 -11.67
N GLY B 9 -5.78 -8.49 -10.43
CA GLY B 9 -4.38 -8.59 -10.05
C GLY B 9 -3.71 -7.26 -9.77
N LEU B 10 -4.49 -6.20 -9.65
CA LEU B 10 -3.99 -4.85 -9.45
C LEU B 10 -4.31 -4.43 -8.04
N VAL B 11 -3.28 -4.05 -7.29
CA VAL B 11 -3.47 -3.49 -5.97
C VAL B 11 -2.61 -2.24 -5.88
N LYS B 12 -2.90 -1.43 -4.85
CA LYS B 12 -2.06 -0.29 -4.50
C LYS B 12 -0.79 -0.83 -3.87
N MET B 13 0.28 -0.78 -4.63
CA MET B 13 1.55 -1.38 -4.26
C MET B 13 2.60 -0.29 -3.97
N SER B 14 3.22 -0.34 -2.80
CA SER B 14 4.32 0.55 -2.43
C SER B 14 5.64 -0.17 -2.63
N HIS B 15 6.72 0.60 -2.64
CA HIS B 15 8.04 -0.02 -2.51
C HIS B 15 8.28 -0.53 -1.08
N PRO B 16 9.08 -1.58 -0.92
CA PRO B 16 9.53 -1.98 0.43
C PRO B 16 10.23 -0.81 1.12
N SER B 17 9.88 -0.55 2.38
CA SER B 17 10.20 0.71 3.03
C SER B 17 11.45 0.59 3.89
N GLY B 18 12.05 -0.60 3.95
CA GLY B 18 13.16 -0.82 4.86
C GLY B 18 14.30 0.17 4.66
N ASP B 19 14.68 0.41 3.40
CA ASP B 19 15.76 1.34 3.08
C ASP B 19 15.51 2.71 3.71
N VAL B 20 14.26 3.17 3.63
CA VAL B 20 13.94 4.48 4.15
C VAL B 20 13.66 4.47 5.63
N GLU B 21 13.14 3.37 6.17
CA GLU B 21 12.90 3.33 7.60
C GLU B 21 14.19 3.62 8.39
N ALA B 22 15.32 3.16 7.90
CA ALA B 22 16.58 3.35 8.64
C ALA B 22 17.12 4.78 8.55
N CYS B 23 16.48 5.67 7.79
CA CYS B 23 16.92 7.06 7.70
C CYS B 23 16.02 8.03 8.46
N MET B 24 14.95 7.57 9.10
CA MET B 24 14.07 8.46 9.82
C MET B 24 14.58 8.79 11.22
N VAL B 25 14.46 10.06 11.56
CA VAL B 25 14.85 10.54 12.88
C VAL B 25 13.79 11.53 13.35
N GLN B 26 13.84 11.87 14.62
CA GLN B 26 12.98 12.89 15.19
C GLN B 26 13.80 14.17 15.31
N VAL B 27 13.22 15.28 14.92
CA VAL B 27 13.85 16.59 15.03
C VAL B 27 12.94 17.44 15.90
N THR B 28 13.53 18.09 16.91
CA THR B 28 12.83 18.98 17.81
C THR B 28 13.57 20.30 17.89
N CYS B 29 12.78 21.38 17.96
CA CYS B 29 13.27 22.75 18.06
C CYS B 29 12.25 23.48 18.92
N GLY B 30 12.69 23.92 20.10
CA GLY B 30 11.76 24.42 21.09
C GLY B 30 10.76 23.36 21.47
N SER B 31 9.51 23.56 21.06
CA SER B 31 8.47 22.60 21.38
C SER B 31 7.77 22.00 20.16
N MET B 32 7.90 22.58 18.97
CA MET B 32 7.45 21.91 17.75
C MET B 32 8.37 20.73 17.46
N THR B 33 7.78 19.54 17.22
CA THR B 33 8.55 18.33 16.97
C THR B 33 8.01 17.60 15.73
N LEU B 34 8.90 17.10 14.88
CA LEU B 34 8.45 16.39 13.68
C LEU B 34 9.55 15.41 13.24
N ASN B 35 9.46 14.91 12.01
CA ASN B 35 10.35 13.90 11.49
C ASN B 35 11.42 14.52 10.62
N GLY B 36 12.58 13.87 10.56
CA GLY B 36 13.58 14.23 9.59
C GLY B 36 14.17 13.00 8.91
N LEU B 37 14.99 13.26 7.89
CA LEU B 37 15.56 12.23 7.00
C LEU B 37 17.09 12.34 7.06
N TRP B 38 17.73 11.30 7.61
CA TRP B 38 19.17 11.28 7.86
C TRP B 38 19.86 10.51 6.74
N LEU B 39 20.59 11.23 5.88
CA LEU B 39 21.36 10.68 4.77
C LEU B 39 22.82 11.09 4.97
N ASP B 40 23.72 10.12 5.18
CA ASP B 40 25.13 10.43 5.42
C ASP B 40 25.20 11.42 6.57
N ASN B 41 25.83 12.60 6.43
CA ASN B 41 25.99 13.57 7.51
C ASN B 41 24.94 14.69 7.47
N THR B 42 23.84 14.49 6.77
CA THR B 42 22.84 15.52 6.67
C THR B 42 21.52 15.01 7.24
N VAL B 43 20.75 15.93 7.83
CA VAL B 43 19.41 15.65 8.29
C VAL B 43 18.49 16.69 7.66
N TRP B 44 17.49 16.23 6.89
CA TRP B 44 16.54 17.10 6.19
C TRP B 44 15.25 17.19 6.98
N CYS B 45 14.72 18.39 7.18
CA CYS B 45 13.41 18.42 7.82
C CYS B 45 12.68 19.69 7.40
N PRO B 46 11.35 19.74 7.57
CA PRO B 46 10.60 20.96 7.25
C PRO B 46 11.03 22.13 8.14
N ARG B 47 11.19 23.31 7.53
CA ARG B 47 11.68 24.46 8.30
C ARG B 47 10.68 24.99 9.32
N HIS B 48 9.37 24.74 9.17
CA HIS B 48 8.46 25.24 10.20
C HIS B 48 8.62 24.53 11.55
N VAL B 49 9.53 23.57 11.68
CA VAL B 49 9.94 23.10 13.01
C VAL B 49 10.51 24.25 13.85
N MET B 50 11.06 25.28 13.19
CA MET B 50 11.60 26.45 13.88
C MET B 50 10.53 27.34 14.45
N CYS B 51 9.26 27.12 14.13
CA CYS B 51 8.24 28.13 14.34
C CYS B 51 7.42 27.83 15.58
N PRO B 52 7.22 28.79 16.50
CA PRO B 52 6.27 28.59 17.60
C PRO B 52 4.84 28.74 17.11
N ALA B 53 3.94 27.88 17.62
CA ALA B 53 2.55 27.89 17.16
C ALA B 53 1.94 29.28 17.16
N ASP B 54 2.25 30.09 18.18
CA ASP B 54 1.75 31.46 18.16
C ASP B 54 2.07 32.12 16.83
N GLN B 55 3.35 32.08 16.41
CA GLN B 55 3.83 32.80 15.23
C GLN B 55 3.72 31.98 13.93
N LEU B 56 2.82 30.99 13.87
CA LEU B 56 2.81 30.01 12.76
C LEU B 56 2.17 30.50 11.46
N SER B 57 1.58 31.70 11.43
CA SER B 57 1.18 32.30 10.16
C SER B 57 1.88 33.65 10.06
N ASP B 58 2.38 33.93 8.86
CA ASP B 58 3.23 35.14 8.73
C ASP B 58 4.47 34.90 9.59
N PRO B 59 5.18 33.74 9.51
CA PRO B 59 6.42 33.58 10.27
C PRO B 59 7.62 34.12 9.50
N ASN B 60 8.63 34.58 10.24
CA ASN B 60 9.81 35.17 9.62
C ASN B 60 10.92 34.11 9.63
N TYR B 61 10.96 33.32 8.55
CA TYR B 61 11.91 32.23 8.48
C TYR B 61 13.35 32.76 8.38
N ASP B 62 13.57 33.84 7.64
CA ASP B 62 14.95 34.28 7.49
C ASP B 62 15.53 34.72 8.82
N ALA B 63 14.65 35.12 9.76
CA ALA B 63 15.04 35.62 11.07
C ALA B 63 15.08 34.51 12.11
N LEU B 64 14.08 33.61 12.06
CA LEU B 64 14.11 32.44 12.91
C LEU B 64 15.42 31.71 12.72
N LEU B 65 15.81 31.51 11.46
CA LEU B 65 17.10 30.87 11.19
C LEU B 65 18.23 31.61 11.89
N ILE B 66 18.21 32.93 11.84
CA ILE B 66 19.32 33.70 12.46
C ILE B 66 19.36 33.45 13.95
N SER B 67 18.20 33.36 14.59
CA SER B 67 18.10 33.19 16.02
C SER B 67 18.52 31.80 16.49
N MET B 68 18.95 30.91 15.61
CA MET B 68 19.28 29.55 16.01
C MET B 68 20.79 29.39 16.16
N THR B 69 21.19 28.45 17.00
CA THR B 69 22.52 27.89 17.05
C THR B 69 22.44 26.43 16.66
N ASN B 70 23.58 25.75 16.60
CA ASN B 70 23.50 24.31 16.37
C ASN B 70 22.84 23.58 17.53
N HIS B 71 22.90 24.11 18.76
CA HIS B 71 22.18 23.44 19.85
C HIS B 71 20.66 23.61 19.80
N SER B 72 20.15 24.52 18.98
CA SER B 72 18.72 24.73 18.92
C SER B 72 17.96 23.53 18.34
N PHE B 73 18.68 22.61 17.69
CA PHE B 73 18.05 21.47 17.04
C PHE B 73 18.49 20.20 17.74
N SER B 74 17.53 19.45 18.28
CA SER B 74 17.80 18.13 18.84
C SER B 74 17.29 17.04 17.90
N VAL B 75 18.20 16.17 17.50
CA VAL B 75 17.95 15.10 16.55
C VAL B 75 18.21 13.78 17.27
N GLN B 76 17.27 12.86 17.14
CA GLN B 76 17.27 11.61 17.87
C GLN B 76 16.80 10.48 16.95
N LYS B 77 17.47 9.33 17.02
CA LYS B 77 17.06 8.10 16.35
C LYS B 77 16.51 7.10 17.35
N HIS B 78 15.45 6.37 16.95
CA HIS B 78 14.91 5.25 17.72
C HIS B 78 14.94 3.94 16.95
N ILE B 79 14.37 3.89 15.76
CA ILE B 79 14.40 2.68 14.94
C ILE B 79 15.86 2.19 14.79
N ALA B 83 19.58 6.68 19.86
CA ALA B 83 20.73 7.57 20.03
C ALA B 83 20.36 9.05 19.77
N ASN B 84 21.14 9.95 20.37
CA ASN B 84 21.13 11.36 20.00
C ASN B 84 22.28 11.65 19.04
N LEU B 85 22.04 12.58 18.13
CA LEU B 85 23.01 13.04 17.16
C LEU B 85 23.36 14.48 17.46
N ARG B 86 24.62 14.85 17.20
CA ARG B 86 25.08 16.20 17.44
C ARG B 86 25.03 16.96 16.12
N VAL B 87 24.25 18.03 16.11
CA VAL B 87 24.19 18.94 14.98
C VAL B 87 25.40 19.85 15.01
N VAL B 88 26.13 19.93 13.89
CA VAL B 88 27.33 20.74 13.80
C VAL B 88 27.24 21.77 12.68
N GLY B 89 26.07 21.92 12.06
CA GLY B 89 25.86 23.00 11.13
C GLY B 89 24.39 23.00 10.78
N HIS B 90 23.94 24.13 10.26
CA HIS B 90 22.51 24.31 9.97
C HIS B 90 22.35 25.35 8.88
N ALA B 91 21.35 25.15 8.03
CA ALA B 91 21.15 25.96 6.85
C ALA B 91 19.75 25.76 6.34
N MET B 92 19.21 26.79 5.67
CA MET B 92 17.92 26.74 5.01
C MET B 92 18.09 26.59 3.52
N GLN B 93 17.14 25.85 2.92
CA GLN B 93 17.11 25.62 1.48
C GLN B 93 15.64 25.56 1.09
N GLY B 94 15.11 26.68 0.61
CA GLY B 94 13.68 26.79 0.36
C GLY B 94 12.84 26.58 1.61
N THR B 95 12.02 25.53 1.60
CA THR B 95 11.11 25.23 2.70
C THR B 95 11.64 24.10 3.59
N LEU B 96 12.91 23.77 3.45
CA LEU B 96 13.53 22.71 4.24
C LEU B 96 14.71 23.27 5.02
N LEU B 97 15.06 22.55 6.08
CA LEU B 97 16.34 22.73 6.77
C LEU B 97 17.27 21.61 6.35
N LYS B 98 18.52 21.94 6.14
CA LYS B 98 19.61 21.01 5.91
C LYS B 98 20.54 21.09 7.14
N LEU B 99 20.42 20.16 8.06
CA LEU B 99 21.28 20.10 9.24
C LEU B 99 22.47 19.17 8.98
N THR B 100 23.63 19.54 9.48
CA THR B 100 24.79 18.67 9.43
C THR B 100 24.99 18.08 10.80
N VAL B 101 25.15 16.75 10.86
CA VAL B 101 25.38 16.02 12.10
C VAL B 101 26.74 15.38 12.03
N ASP B 102 27.28 15.02 13.19
CA ASP B 102 28.66 14.52 13.27
C ASP B 102 28.78 13.03 13.12
N VAL B 103 27.71 12.33 12.78
CA VAL B 103 27.75 10.91 12.49
C VAL B 103 27.07 10.67 11.13
N ALA B 104 27.76 9.97 10.25
CA ALA B 104 27.19 9.56 8.97
C ALA B 104 26.25 8.39 9.20
N ASN B 105 25.06 8.47 8.64
CA ASN B 105 24.11 7.36 8.80
C ASN B 105 24.75 6.10 8.23
N PRO B 106 25.06 5.08 9.04
CA PRO B 106 25.69 3.86 8.52
C PRO B 106 24.78 3.00 7.64
N SER B 107 23.53 3.43 7.40
CA SER B 107 22.55 2.65 6.64
C SER B 107 21.90 3.49 5.55
N THR B 108 22.63 4.50 5.10
CA THR B 108 22.17 5.35 4.01
C THR B 108 22.10 4.55 2.72
N PRO B 109 20.98 4.56 2.03
CA PRO B 109 20.91 3.93 0.71
C PRO B 109 21.51 4.82 -0.36
N ALA B 110 21.90 4.19 -1.46
CA ALA B 110 22.06 4.94 -2.70
C ALA B 110 20.82 5.76 -2.95
N TYR B 111 21.02 7.03 -3.30
CA TYR B 111 19.88 7.92 -3.45
C TYR B 111 20.13 9.07 -4.43
N THR B 112 19.03 9.57 -4.96
CA THR B 112 18.97 10.81 -5.71
C THR B 112 17.78 11.63 -5.21
N PHE B 113 17.76 12.88 -5.63
CA PHE B 113 16.68 13.82 -5.34
C PHE B 113 16.10 14.15 -6.71
N THR B 114 14.88 13.73 -6.95
CA THR B 114 14.26 13.97 -8.25
C THR B 114 12.86 14.45 -7.99
N THR B 115 12.50 15.61 -8.56
CA THR B 115 11.14 16.08 -8.44
C THR B 115 10.23 15.27 -9.37
N VAL B 116 9.05 14.92 -8.86
CA VAL B 116 8.10 14.12 -9.62
C VAL B 116 7.08 15.06 -10.25
N LYS B 117 6.53 14.59 -11.33
CA LYS B 117 5.54 15.31 -12.10
C LYS B 117 4.16 14.72 -11.87
N PRO B 118 3.13 15.49 -12.18
CA PRO B 118 1.77 14.96 -12.07
C PRO B 118 1.60 13.66 -12.85
N GLY B 119 0.78 12.77 -12.29
CA GLY B 119 0.57 11.44 -12.82
C GLY B 119 1.53 10.40 -12.30
N ALA B 120 2.72 10.81 -11.83
CA ALA B 120 3.68 9.85 -11.32
C ALA B 120 3.26 9.38 -9.94
N ALA B 121 3.58 8.12 -9.66
CA ALA B 121 3.28 7.51 -8.38
C ALA B 121 4.53 7.48 -7.51
N PHE B 122 4.35 7.64 -6.21
CA PHE B 122 5.46 7.38 -5.27
C PHE B 122 4.96 6.78 -3.96
N SER B 123 5.89 6.20 -3.18
CA SER B 123 5.55 5.60 -1.91
C SER B 123 5.78 6.59 -0.79
N VAL B 124 4.94 6.51 0.24
CA VAL B 124 5.05 7.42 1.38
C VAL B 124 5.30 6.55 2.62
N LEU B 125 6.25 6.96 3.42
CA LEU B 125 6.51 6.32 4.73
C LEU B 125 5.99 7.30 5.76
N ALA B 126 4.78 7.04 6.29
CA ALA B 126 4.20 7.91 7.29
C ALA B 126 4.92 7.67 8.60
N CYS B 127 5.37 8.74 9.25
CA CYS B 127 6.13 8.63 10.49
C CYS B 127 5.62 9.64 11.51
N TYR B 128 5.70 9.26 12.81
CA TYR B 128 5.40 10.12 13.94
C TYR B 128 6.49 9.99 15.00
N ASN B 129 7.02 11.13 15.46
CA ASN B 129 8.11 11.14 16.44
C ASN B 129 9.27 10.28 15.96
N GLY B 130 9.51 10.32 14.66
CA GLY B 130 10.61 9.59 14.06
C GLY B 130 10.40 8.10 13.99
N ARG B 131 9.22 7.61 14.38
CA ARG B 131 8.94 6.20 14.32
C ARG B 131 8.06 5.92 13.11
N PRO B 132 8.50 5.13 12.15
CA PRO B 132 7.64 4.80 10.99
C PRO B 132 6.44 3.97 11.40
N THR B 133 5.24 4.35 10.91
CA THR B 133 4.01 3.68 11.32
C THR B 133 3.23 3.05 10.16
N GLY B 134 3.40 3.53 8.94
CA GLY B 134 2.69 2.91 7.83
C GLY B 134 3.23 3.39 6.50
N THR B 135 2.89 2.65 5.44
CA THR B 135 3.34 3.01 4.11
C THR B 135 2.16 2.92 3.15
N PHE B 136 2.13 3.82 2.18
CA PHE B 136 1.06 3.81 1.17
C PHE B 136 1.61 4.47 -0.08
N THR B 137 0.88 4.30 -1.18
CA THR B 137 1.30 4.89 -2.43
C THR B 137 0.27 5.93 -2.87
N VAL B 138 0.75 6.96 -3.55
CA VAL B 138 -0.07 8.07 -4.01
C VAL B 138 0.37 8.43 -5.40
N VAL B 139 -0.52 9.12 -6.11
CA VAL B 139 -0.21 9.79 -7.36
C VAL B 139 -0.14 11.28 -7.07
N MET B 140 0.92 11.95 -7.55
CA MET B 140 0.96 13.41 -7.53
C MET B 140 -0.16 13.90 -8.45
N ARG B 141 -1.14 14.63 -7.92
CA ARG B 141 -2.26 15.04 -8.77
C ARG B 141 -1.85 16.21 -9.65
N PRO B 142 -2.57 16.44 -10.75
CA PRO B 142 -2.31 17.62 -11.58
C PRO B 142 -2.40 18.95 -10.85
N ASN B 143 -3.18 19.05 -9.79
CA ASN B 143 -3.17 20.27 -9.00
C ASN B 143 -2.10 20.26 -7.90
N TYR B 144 -1.13 19.34 -8.00
CA TYR B 144 0.10 19.29 -7.16
C TYR B 144 -0.22 19.04 -5.69
N THR B 145 -1.29 18.29 -5.47
CA THR B 145 -1.67 17.70 -4.20
C THR B 145 -1.63 16.18 -4.27
N ILE B 146 -1.63 15.54 -3.09
CA ILE B 146 -1.72 14.08 -3.00
C ILE B 146 -2.84 13.74 -2.04
N LYS B 147 -3.41 12.56 -2.23
CA LYS B 147 -4.51 12.09 -1.41
C LYS B 147 -3.90 11.12 -0.40
N GLY B 148 -3.45 11.65 0.72
CA GLY B 148 -2.75 10.86 1.69
C GLY B 148 -3.58 10.59 2.92
N SER B 149 -2.89 10.07 3.95
CA SER B 149 -3.37 9.86 5.29
C SER B 149 -2.27 10.44 6.17
N PHE B 150 -2.47 11.64 6.72
CA PHE B 150 -1.48 12.30 7.58
C PHE B 150 -2.20 13.01 8.72
N LEU B 151 -1.63 12.95 9.91
CA LEU B 151 -2.22 13.55 11.11
C LEU B 151 -1.17 14.45 11.73
N CYS B 152 -1.57 15.17 12.77
CA CYS B 152 -0.61 15.93 13.55
C CYS B 152 0.63 15.11 13.85
N GLY B 153 1.80 15.68 13.59
CA GLY B 153 3.05 15.02 13.87
C GLY B 153 3.70 14.35 12.67
N SER B 154 3.00 14.31 11.53
CA SER B 154 3.48 13.53 10.39
C SER B 154 4.47 14.29 9.54
N CYS B 155 4.61 15.60 9.74
CA CYS B 155 5.47 16.36 8.85
C CYS B 155 6.89 15.81 8.86
N GLY B 156 7.57 15.96 7.73
CA GLY B 156 8.83 15.30 7.52
C GLY B 156 8.72 13.86 7.06
N SER B 157 7.54 13.25 7.14
CA SER B 157 7.31 11.98 6.42
C SER B 157 7.74 12.15 4.96
N VAL B 158 8.35 11.11 4.35
CA VAL B 158 8.96 11.29 3.04
C VAL B 158 8.32 10.36 2.02
N GLY B 159 8.35 10.79 0.76
CA GLY B 159 7.90 9.96 -0.34
C GLY B 159 9.06 9.75 -1.28
N TYR B 160 9.06 8.58 -1.94
CA TYR B 160 10.24 8.13 -2.68
C TYR B 160 9.83 7.09 -3.70
N THR B 161 10.67 6.92 -4.70
CA THR B 161 10.61 5.79 -5.60
C THR B 161 11.94 5.06 -5.56
N LYS B 162 11.98 3.87 -6.16
CA LYS B 162 13.18 3.07 -6.26
C LYS B 162 13.37 2.67 -7.71
N GLU B 163 14.63 2.70 -8.12
CA GLU B 163 15.05 2.35 -9.49
C GLU B 163 16.34 1.56 -9.29
N GLY B 164 16.29 0.25 -9.43
CA GLY B 164 17.47 -0.53 -9.13
C GLY B 164 17.79 -0.40 -7.66
N SER B 165 19.08 -0.12 -7.36
CA SER B 165 19.49 0.12 -5.97
C SER B 165 19.09 1.50 -5.47
N VAL B 166 18.72 2.41 -6.36
CA VAL B 166 18.73 3.85 -6.05
C VAL B 166 17.35 4.29 -5.64
N ILE B 167 17.25 4.78 -4.40
CA ILE B 167 16.05 5.48 -3.96
C ILE B 167 16.08 6.91 -4.47
N ASN B 168 14.99 7.33 -5.07
CA ASN B 168 14.80 8.73 -5.44
C ASN B 168 13.83 9.35 -4.45
N PHE B 169 14.37 10.18 -3.56
CA PHE B 169 13.51 10.91 -2.65
C PHE B 169 12.85 12.07 -3.39
N CYS B 170 11.51 12.16 -3.30
CA CYS B 170 10.80 13.15 -4.08
C CYS B 170 9.82 14.03 -3.29
N TYR B 171 9.58 13.78 -2.01
CA TYR B 171 8.54 14.50 -1.29
C TYR B 171 8.90 14.54 0.19
N MET B 172 8.75 15.70 0.83
CA MET B 172 8.77 15.75 2.28
C MET B 172 7.55 16.51 2.77
N HIS B 173 6.78 15.85 3.61
CA HIS B 173 5.43 16.29 3.87
C HIS B 173 5.40 17.55 4.75
N GLN B 174 4.54 18.52 4.34
CA GLN B 174 4.40 19.83 4.98
C GLN B 174 3.00 20.15 5.51
N MET B 175 1.91 19.78 4.81
CA MET B 175 0.64 20.38 5.21
C MET B 175 -0.55 19.66 4.59
N GLU B 176 -1.73 19.92 5.17
CA GLU B 176 -3.02 19.46 4.69
C GLU B 176 -3.83 20.66 4.23
N LEU B 177 -4.63 20.46 3.19
CA LEU B 177 -5.39 21.55 2.60
C LEU B 177 -6.84 21.41 3.03
N ALA B 178 -7.63 22.41 2.61
CA ALA B 178 -9.04 22.52 3.01
C ALA B 178 -9.85 21.29 2.60
N ASN B 179 -9.60 20.75 1.41
CA ASN B 179 -10.35 19.60 0.93
C ASN B 179 -9.80 18.28 1.45
N GLY B 180 -8.87 18.29 2.40
CA GLY B 180 -8.39 17.06 2.98
C GLY B 180 -7.20 16.45 2.28
N THR B 181 -6.77 17.00 1.15
CA THR B 181 -5.59 16.52 0.46
C THR B 181 -4.35 17.17 1.08
N HIS B 182 -3.19 16.87 0.52
CA HIS B 182 -1.91 17.20 1.18
C HIS B 182 -0.87 17.66 0.17
N THR B 183 0.13 18.39 0.68
CA THR B 183 1.28 18.72 -0.14
C THR B 183 2.51 18.93 0.74
N GLY B 184 3.63 19.15 0.08
CA GLY B 184 4.94 19.01 0.68
C GLY B 184 5.99 19.51 -0.29
N SER B 185 7.25 19.38 0.11
CA SER B 185 8.39 19.88 -0.65
C SER B 185 9.10 18.77 -1.42
N ALA B 186 9.73 19.16 -2.52
CA ALA B 186 10.77 18.33 -3.08
C ALA B 186 12.07 18.62 -2.34
N PHE B 187 13.04 17.74 -2.50
CA PHE B 187 14.24 17.89 -1.70
C PHE B 187 15.17 18.97 -2.24
N ASP B 188 14.82 19.61 -3.36
CA ASP B 188 15.48 20.88 -3.67
C ASP B 188 14.89 22.05 -2.89
N GLY B 189 13.92 21.81 -2.03
CA GLY B 189 13.39 22.83 -1.17
C GLY B 189 12.13 23.50 -1.67
N THR B 190 11.75 23.28 -2.92
CA THR B 190 10.54 23.94 -3.37
C THR B 190 9.33 23.14 -2.93
N MET B 191 8.22 23.82 -2.82
CA MET B 191 6.97 23.21 -2.46
C MET B 191 6.29 22.77 -3.73
N TYR B 192 5.66 21.60 -3.72
CA TYR B 192 4.87 21.22 -4.88
C TYR B 192 3.67 22.14 -4.97
N GLY B 193 3.39 22.64 -6.18
CA GLY B 193 2.24 23.48 -6.40
C GLY B 193 2.40 24.93 -6.00
N ALA B 194 3.56 25.36 -5.55
CA ALA B 194 3.79 26.74 -5.15
C ALA B 194 3.18 27.03 -3.79
N PHE B 195 2.53 26.07 -3.15
CA PHE B 195 1.92 26.37 -1.86
C PHE B 195 2.99 26.91 -0.90
N MET B 196 2.53 27.60 0.14
CA MET B 196 3.43 28.25 1.09
C MET B 196 3.34 27.56 2.43
N ASP B 197 4.51 27.43 3.10
CA ASP B 197 4.63 26.77 4.43
C ASP B 197 4.18 27.75 5.51
N LYS B 198 3.02 28.35 5.32
CA LYS B 198 2.35 29.26 6.23
C LYS B 198 1.03 28.60 6.60
N GLN B 199 0.57 28.82 7.82
CA GLN B 199 -0.69 28.20 8.24
C GLN B 199 -1.86 29.13 7.91
N VAL B 200 -2.17 29.19 6.62
CA VAL B 200 -3.29 29.96 6.10
C VAL B 200 -4.09 29.08 5.16
N HIS B 201 -5.40 29.32 5.09
CA HIS B 201 -6.26 28.63 4.13
C HIS B 201 -5.77 28.95 2.71
N GLN B 202 -5.38 27.93 1.98
CA GLN B 202 -4.97 28.05 0.59
C GLN B 202 -5.83 27.11 -0.23
N VAL B 203 -6.19 27.57 -1.43
CA VAL B 203 -7.11 26.85 -2.31
C VAL B 203 -6.31 26.28 -3.46
N GLN B 204 -6.42 24.97 -3.65
CA GLN B 204 -5.74 24.28 -4.73
C GLN B 204 -6.46 24.52 -6.05
N LEU B 205 -5.72 24.41 -7.15
CA LEU B 205 -6.30 24.48 -8.48
C LEU B 205 -7.23 23.30 -8.74
N THR B 206 -7.89 23.34 -9.88
CA THR B 206 -8.78 22.27 -10.23
C THR B 206 -8.01 21.00 -10.56
N ASP B 207 -8.51 19.88 -10.09
CA ASP B 207 -7.92 18.59 -10.40
C ASP B 207 -8.33 18.15 -11.82
N LYS B 208 -7.55 17.22 -12.38
CA LYS B 208 -7.82 16.65 -13.71
C LYS B 208 -7.56 15.16 -13.70
N TYR B 209 -8.07 14.49 -14.73
CA TYR B 209 -7.77 13.09 -14.95
C TYR B 209 -6.39 12.97 -15.55
N CYS B 210 -5.58 12.05 -15.03
CA CYS B 210 -4.25 11.81 -15.58
C CYS B 210 -4.43 10.87 -16.77
N SER B 211 -4.42 11.45 -17.97
CA SER B 211 -4.75 10.71 -19.18
C SER B 211 -3.89 9.46 -19.34
N VAL B 212 -2.59 9.59 -19.18
CA VAL B 212 -1.71 8.44 -19.41
C VAL B 212 -2.01 7.30 -18.44
N ASN B 213 -2.45 7.62 -17.24
CA ASN B 213 -2.76 6.54 -16.31
C ASN B 213 -4.07 5.87 -16.66
N VAL B 214 -5.03 6.61 -17.18
CA VAL B 214 -6.27 5.99 -17.60
C VAL B 214 -6.01 5.01 -18.72
N VAL B 215 -5.14 5.40 -19.66
CA VAL B 215 -4.70 4.50 -20.70
C VAL B 215 -4.07 3.24 -20.10
N ALA B 216 -3.10 3.41 -19.19
CA ALA B 216 -2.49 2.25 -18.55
C ALA B 216 -3.55 1.29 -18.02
N TRP B 217 -4.54 1.86 -17.34
CA TRP B 217 -5.59 1.09 -16.71
C TRP B 217 -6.46 0.37 -17.73
N LEU B 218 -6.76 1.02 -18.86
CA LEU B 218 -7.50 0.33 -19.92
C LEU B 218 -6.64 -0.77 -20.53
N TYR B 219 -5.31 -0.62 -20.53
CA TYR B 219 -4.51 -1.75 -20.99
C TYR B 219 -4.57 -2.91 -19.98
N ALA B 220 -4.57 -2.60 -18.69
CA ALA B 220 -4.74 -3.66 -17.70
C ALA B 220 -6.05 -4.40 -17.90
N ALA B 221 -7.12 -3.67 -18.24
CA ALA B 221 -8.40 -4.30 -18.54
C ALA B 221 -8.27 -5.28 -19.69
N ILE B 222 -7.68 -4.83 -20.81
CA ILE B 222 -7.50 -5.71 -21.98
C ILE B 222 -6.68 -6.94 -21.60
N LEU B 223 -5.58 -6.73 -20.84
CA LEU B 223 -4.75 -7.85 -20.42
C LEU B 223 -5.53 -8.82 -19.54
N ASN B 224 -6.56 -8.35 -18.85
CA ASN B 224 -7.43 -9.23 -18.10
C ASN B 224 -8.58 -9.84 -18.91
N GLY B 225 -8.63 -9.62 -20.20
CA GLY B 225 -9.75 -10.11 -21.04
C GLY B 225 -10.96 -9.21 -21.12
N CYS B 226 -10.92 -8.02 -20.52
CA CYS B 226 -12.01 -7.06 -20.48
C CYS B 226 -11.71 -6.03 -21.55
N ALA B 227 -12.25 -6.26 -22.75
CA ALA B 227 -11.95 -5.39 -23.89
C ALA B 227 -13.19 -4.96 -24.67
N TRP B 228 -14.38 -5.00 -24.07
CA TRP B 228 -15.61 -4.61 -24.78
C TRP B 228 -15.59 -3.17 -25.27
N PHE B 229 -14.73 -2.31 -24.69
CA PHE B 229 -14.68 -0.89 -25.03
C PHE B 229 -13.73 -0.57 -26.17
N VAL B 230 -13.02 -1.57 -26.68
CA VAL B 230 -12.05 -1.36 -27.74
C VAL B 230 -12.83 -1.41 -29.04
N LYS B 231 -12.73 -0.35 -29.83
CA LYS B 231 -13.29 -0.29 -31.19
C LYS B 231 -12.17 0.00 -32.19
N PRO B 232 -12.42 -0.17 -33.48
CA PRO B 232 -11.37 0.21 -34.46
C PRO B 232 -11.07 1.68 -34.43
N ASN B 233 -12.05 2.48 -34.03
CA ASN B 233 -11.94 3.92 -34.11
C ASN B 233 -10.75 4.42 -33.27
N ARG B 234 -10.19 5.51 -33.74
CA ARG B 234 -8.99 6.06 -33.08
C ARG B 234 -9.01 7.58 -33.05
N THR B 235 -8.41 8.18 -32.03
CA THR B 235 -8.17 9.61 -31.92
C THR B 235 -6.69 9.82 -31.75
N SER B 236 -6.13 10.78 -32.50
CA SER B 236 -4.69 10.99 -32.41
C SER B 236 -4.34 11.71 -31.11
N VAL B 237 -3.05 11.66 -30.78
CA VAL B 237 -2.58 12.30 -29.55
C VAL B 237 -2.82 13.81 -29.61
N VAL B 238 -2.54 14.44 -30.76
CA VAL B 238 -2.82 15.87 -30.93
C VAL B 238 -4.30 16.17 -30.73
N SER B 239 -5.17 15.45 -31.42
CA SER B 239 -6.60 15.75 -31.29
C SER B 239 -7.07 15.50 -29.87
N PHE B 240 -6.65 14.39 -29.26
CA PHE B 240 -7.02 14.09 -27.88
C PHE B 240 -6.58 15.21 -26.95
N ASN B 241 -5.37 15.70 -27.14
CA ASN B 241 -4.85 16.73 -26.23
C ASN B 241 -5.65 18.03 -26.34
N GLU B 242 -6.12 18.35 -27.55
CA GLU B 242 -7.04 19.46 -27.75
C GLU B 242 -8.34 19.24 -27.00
N TRP B 243 -8.92 18.06 -27.15
CA TRP B 243 -10.14 17.74 -26.46
C TRP B 243 -9.93 17.73 -24.95
N ALA B 244 -8.75 17.30 -24.51
CA ALA B 244 -8.46 17.17 -23.07
C ALA B 244 -8.54 18.51 -22.35
N LEU B 245 -7.91 19.54 -22.93
CA LEU B 245 -7.96 20.90 -22.38
C LEU B 245 -9.39 21.36 -22.09
N ALA B 246 -10.37 20.84 -22.79
CA ALA B 246 -11.74 21.29 -22.63
C ALA B 246 -12.53 20.41 -21.68
N ASN B 247 -11.95 19.27 -21.27
CA ASN B 247 -12.73 18.25 -20.59
C ASN B 247 -12.02 17.70 -19.34
N GLN B 248 -11.10 18.47 -18.79
CA GLN B 248 -10.53 18.24 -17.46
C GLN B 248 -9.62 17.01 -17.46
N PHE B 249 -8.84 16.84 -18.53
CA PHE B 249 -7.89 15.76 -18.71
C PHE B 249 -6.52 16.36 -18.92
N THR B 250 -5.49 15.66 -18.46
CA THR B 250 -4.17 16.16 -18.74
C THR B 250 -3.77 15.82 -20.15
N GLU B 251 -2.76 16.52 -20.63
CA GLU B 251 -2.17 16.19 -21.90
C GLU B 251 -1.63 14.77 -21.83
N PHE B 252 -1.91 13.99 -22.86
CA PHE B 252 -1.32 12.66 -22.96
C PHE B 252 0.08 12.78 -23.52
N VAL B 253 1.04 12.16 -22.84
CA VAL B 253 2.42 12.03 -23.29
C VAL B 253 2.81 10.56 -23.20
N GLY B 254 3.24 9.99 -24.31
CA GLY B 254 3.61 8.59 -24.32
C GLY B 254 4.99 8.33 -23.76
N THR B 255 5.21 7.07 -23.38
CA THR B 255 6.47 6.63 -22.80
C THR B 255 6.75 5.23 -23.31
N GLN B 256 7.96 4.73 -23.03
CA GLN B 256 8.33 3.36 -23.37
C GLN B 256 7.48 2.38 -22.60
N SER B 257 7.04 2.76 -21.40
CA SER B 257 6.22 1.84 -20.63
C SER B 257 4.84 1.66 -21.28
N VAL B 258 4.22 2.75 -21.72
CA VAL B 258 2.95 2.60 -22.44
C VAL B 258 3.16 1.74 -23.68
N ASP B 259 4.23 2.01 -24.43
CA ASP B 259 4.48 1.30 -25.68
C ASP B 259 4.56 -0.19 -25.46
N MET B 260 5.07 -0.63 -24.31
CA MET B 260 5.22 -2.09 -24.08
C MET B 260 3.82 -2.69 -23.94
N LEU B 261 2.93 -1.95 -23.28
CA LEU B 261 1.56 -2.42 -23.15
C LEU B 261 0.86 -2.52 -24.51
N ALA B 262 1.10 -1.53 -25.38
CA ALA B 262 0.52 -1.54 -26.74
C ALA B 262 1.05 -2.71 -27.55
N VAL B 263 2.36 -3.02 -27.43
CA VAL B 263 2.91 -4.17 -28.15
C VAL B 263 2.25 -5.44 -27.68
N LYS B 264 2.24 -5.64 -26.35
CA LYS B 264 1.71 -6.88 -25.78
C LYS B 264 0.27 -7.11 -26.23
N THR B 265 -0.57 -6.07 -26.15
CA THR B 265 -2.01 -6.25 -26.38
C THR B 265 -2.40 -6.17 -27.85
N GLY B 266 -1.58 -5.57 -28.70
CA GLY B 266 -1.98 -5.31 -30.07
C GLY B 266 -2.95 -4.17 -30.24
N VAL B 267 -3.36 -3.51 -29.14
CA VAL B 267 -4.29 -2.38 -29.17
C VAL B 267 -3.49 -1.08 -29.10
N ALA B 268 -3.77 -0.16 -30.02
CA ALA B 268 -2.96 1.04 -30.17
C ALA B 268 -3.38 2.11 -29.18
N ILE B 269 -2.40 2.93 -28.78
CA ILE B 269 -2.70 4.04 -27.88
C ILE B 269 -3.91 4.83 -28.36
N GLU B 270 -3.93 5.15 -29.66
CA GLU B 270 -4.98 6.01 -30.24
C GLU B 270 -6.37 5.37 -30.18
N GLN B 271 -6.44 4.04 -30.12
CA GLN B 271 -7.73 3.41 -29.91
C GLN B 271 -8.24 3.67 -28.51
N LEU B 272 -7.33 3.66 -27.54
CA LEU B 272 -7.74 3.93 -26.18
C LEU B 272 -8.04 5.41 -25.96
N LEU B 273 -7.36 6.32 -26.64
CA LEU B 273 -7.70 7.74 -26.49
C LEU B 273 -9.12 7.97 -27.01
N TYR B 274 -9.48 7.27 -28.08
CA TYR B 274 -10.87 7.35 -28.58
C TYR B 274 -11.82 6.77 -27.53
N ALA B 275 -11.47 5.61 -26.97
CA ALA B 275 -12.33 5.00 -25.95
C ALA B 275 -12.53 5.94 -24.76
N ILE B 276 -11.48 6.65 -24.34
CA ILE B 276 -11.62 7.56 -23.21
C ILE B 276 -12.63 8.65 -23.54
N GLN B 277 -12.54 9.23 -24.74
CA GLN B 277 -13.53 10.23 -25.16
C GLN B 277 -14.94 9.71 -25.01
N GLN B 278 -15.14 8.42 -25.26
CA GLN B 278 -16.48 7.84 -25.17
C GLN B 278 -16.85 7.52 -23.75
N LEU B 279 -15.91 6.94 -22.98
CA LEU B 279 -16.21 6.42 -21.65
C LEU B 279 -16.37 7.54 -20.64
N TYR B 280 -15.69 8.67 -20.87
CA TYR B 280 -15.80 9.85 -20.01
C TYR B 280 -17.25 10.22 -19.68
N THR B 281 -18.15 10.10 -20.66
CA THR B 281 -19.53 10.51 -20.43
C THR B 281 -20.37 9.44 -19.72
N GLY B 282 -19.76 8.32 -19.32
CA GLY B 282 -20.45 7.23 -18.65
C GLY B 282 -20.18 5.89 -19.32
N PHE B 283 -20.21 4.84 -18.51
CA PHE B 283 -20.07 3.48 -19.00
C PHE B 283 -21.39 2.83 -19.44
N GLN B 284 -22.52 3.52 -19.33
CA GLN B 284 -23.78 2.99 -19.85
C GLN B 284 -24.04 1.56 -19.37
N GLY B 285 -23.84 1.34 -18.07
CA GLY B 285 -24.28 0.13 -17.44
C GLY B 285 -23.23 -0.95 -17.36
N LYS B 286 -22.12 -0.79 -18.06
CA LYS B 286 -21.04 -1.75 -18.01
C LYS B 286 -20.01 -1.37 -16.93
N GLN B 287 -19.09 -2.28 -16.72
CA GLN B 287 -18.01 -2.11 -15.78
C GLN B 287 -16.71 -2.42 -16.47
N ILE B 288 -15.66 -1.77 -16.01
CA ILE B 288 -14.29 -2.07 -16.41
C ILE B 288 -13.51 -2.38 -15.13
N LEU B 289 -13.08 -3.64 -15.01
CA LEU B 289 -12.34 -4.12 -13.85
C LEU B 289 -13.07 -3.73 -12.57
N GLY B 290 -14.38 -4.00 -12.57
CA GLY B 290 -15.26 -3.74 -11.44
C GLY B 290 -15.52 -2.28 -11.14
N SER B 291 -15.06 -1.36 -11.98
CA SER B 291 -15.32 0.05 -11.79
C SER B 291 -16.36 0.57 -12.78
N THR B 292 -17.08 1.60 -12.35
CA THR B 292 -18.06 2.29 -13.20
C THR B 292 -17.58 3.67 -13.62
N MET B 293 -16.35 4.03 -13.26
CA MET B 293 -15.77 5.30 -13.67
C MET B 293 -14.29 5.08 -14.01
N LEU B 294 -13.71 6.04 -14.71
CA LEU B 294 -12.34 5.90 -15.16
C LEU B 294 -11.39 6.00 -13.96
N GLU B 295 -10.40 5.13 -13.95
CA GLU B 295 -9.41 5.07 -12.86
C GLU B 295 -8.07 5.58 -13.37
N ASP B 296 -7.49 6.56 -12.67
CA ASP B 296 -6.27 7.19 -13.11
C ASP B 296 -5.16 7.12 -12.07
N GLU B 297 -5.25 6.20 -11.12
CA GLU B 297 -4.25 6.08 -10.04
C GLU B 297 -3.23 4.96 -10.27
N PHE B 298 -3.32 4.27 -11.40
CA PHE B 298 -2.37 3.24 -11.82
C PHE B 298 -1.56 3.73 -13.01
N THR B 299 -0.24 3.67 -12.88
CA THR B 299 0.65 4.14 -13.93
C THR B 299 0.94 3.04 -14.94
N PRO B 300 1.46 3.41 -16.11
CA PRO B 300 1.95 2.37 -17.04
C PRO B 300 2.97 1.46 -16.39
N GLU B 301 3.84 2.03 -15.54
CA GLU B 301 4.83 1.20 -14.88
C GLU B 301 4.17 0.21 -13.93
N ASP B 302 3.16 0.68 -13.18
CA ASP B 302 2.33 -0.18 -12.34
C ASP B 302 1.80 -1.37 -13.09
N VAL B 303 1.23 -1.10 -14.25
CA VAL B 303 0.57 -2.19 -14.92
C VAL B 303 1.59 -3.15 -15.48
N ASN B 304 2.70 -2.62 -15.99
CA ASN B 304 3.71 -3.49 -16.58
C ASN B 304 4.29 -4.43 -15.54
N MET B 305 4.59 -3.88 -14.36
CA MET B 305 5.18 -4.67 -13.28
C MET B 305 4.18 -5.65 -12.69
N GLN B 306 2.97 -5.18 -12.36
CA GLN B 306 2.10 -6.05 -11.58
C GLN B 306 1.48 -7.12 -12.46
N ILE B 307 1.08 -6.79 -13.70
CA ILE B 307 0.47 -7.76 -14.59
C ILE B 307 1.49 -8.49 -15.46
N MET B 308 2.56 -7.83 -15.90
CA MET B 308 3.46 -8.45 -16.86
C MET B 308 4.86 -8.71 -16.29
N GLY B 309 5.07 -8.45 -15.02
CA GLY B 309 6.38 -8.71 -14.40
C GLY B 309 7.55 -8.02 -15.07
N VAL B 310 7.34 -6.81 -15.58
CA VAL B 310 8.32 -6.08 -16.36
C VAL B 310 8.83 -4.90 -15.54
N VAL B 311 10.15 -4.69 -15.58
CA VAL B 311 10.76 -3.51 -14.97
C VAL B 311 11.62 -2.75 -15.98
C02 F5L C . -0.77 -22.16 -9.36
C04 F5L C . 1.03 -23.02 -7.74
C05 F5L C . 1.84 -24.36 -7.50
C06 F5L C . 0.93 -25.58 -7.09
C07 F5L C . 1.72 -26.89 -6.97
C08 F5L C . 0.13 -25.29 -5.78
C09 F5L C . 2.07 -21.86 -8.01
C11 F5L C . 3.16 -19.55 -7.63
C12 F5L C . 2.39 -18.17 -7.56
C13 F5L C . 1.18 -18.10 -8.54
C14 F5L C . 0.28 -16.92 -8.23
C16 F5L C . 0.63 -16.83 -10.54
C17 F5L C . 1.69 -17.78 -9.97
C19 F5L C . 4.35 -19.51 -6.60
C23 F5L C . -2.62 -21.56 -10.85
C24 F5L C . -3.67 -22.40 -11.69
C25 F5L C . -3.92 -21.21 -12.70
C26 F5L C . -3.93 -21.83 -14.10
C27 F5L C . -4.27 -20.86 -15.29
C29 F5L C . -6.68 -20.04 -15.95
C30 F5L C . -6.80 -20.72 -17.36
C31 F5L C . -6.31 -19.83 -18.55
C32 F5L C . -8.23 -21.22 -17.65
C34 F5L C . -5.51 -19.40 -13.72
C35 F5L C . -5.13 -20.30 -12.48
C36 F5L C . -2.62 -20.58 -12.07
N03 F5L C . 0.05 -23.22 -8.86
N10 F5L C . 2.23 -20.66 -7.24
N15 F5L C . -0.06 -16.17 -9.40
N28 F5L C . -5.56 -20.12 -15.05
O01 F5L C . -0.99 -21.15 -8.67
O18 F5L C . -0.16 -16.59 -7.13
O20 F5L C . 5.14 -20.68 -6.93
O21 F5L C . 2.74 -21.93 -9.07
O22 F5L C . -1.35 -22.20 -10.64
O33 F5L C . -7.66 -19.35 -15.60
C13 F8C D . 1.41 -18.47 -8.62
C14 F8C D . 0.63 -17.17 -8.41
C16 F8C D . 0.95 -17.33 -10.71
C17 F8C D . 1.89 -18.34 -10.07
C19 F8C D . 4.54 -19.80 -6.58
O22 F8C D . -1.48 -22.07 -10.74
N28 F8C D . -5.78 -20.15 -15.13
C29 F8C D . -6.93 -20.09 -15.99
C30 F8C D . -7.12 -20.88 -17.35
C31 F8C D . -6.51 -20.16 -18.59
C32 F8C D . -8.60 -21.23 -17.62
C34 F8C D . -5.65 -19.37 -13.84
C35 F8C D . -5.27 -20.21 -12.57
C02 F8C D . -0.94 -22.06 -9.42
C04 F8C D . 0.79 -23.04 -7.82
C05 F8C D . 1.61 -24.37 -7.67
C06 F8C D . 0.76 -25.59 -7.14
C07 F8C D . 1.64 -26.78 -6.72
C08 F8C D . -0.19 -25.18 -5.99
C09 F8C D . 1.81 -21.87 -8.15
C11 F8C D . 3.39 -19.91 -7.64
C12 F8C D . 2.62 -18.54 -7.65
C23 F8C D . -2.74 -21.43 -10.95
C24 F8C D . -3.83 -22.31 -11.69
C25 F8C D . -4.10 -21.17 -12.78
C26 F8C D . -4.18 -21.88 -14.14
C27 F8C D . -4.53 -20.97 -15.37
C36 F8C D . -2.75 -20.54 -12.25
N03 F8C D . -0.27 -23.19 -8.85
N10 F8C D . 2.49 -21.02 -7.23
N15 F8C D . 0.36 -16.49 -9.63
O01 F8C D . -1.02 -20.98 -8.79
O18 F8C D . 0.27 -16.67 -7.34
O20 F8C D . 5.23 -18.56 -6.90
O21 F8C D . 1.98 -21.60 -9.37
O33 F8C D . -7.88 -19.35 -15.64
C02 F5L E . -1.57 22.92 8.07
C04 F5L E . 0.94 22.89 8.53
C05 F5L E . 2.06 23.81 9.14
C06 F5L E . 2.44 25.03 8.22
C07 F5L E . 3.25 26.08 8.98
C08 F5L E . 3.18 24.60 6.92
C09 F5L E . 0.92 21.53 9.35
C11 F5L E . 1.55 19.09 9.90
C12 F5L E . 0.71 17.96 9.18
C13 F5L E . -0.76 18.38 8.92
C14 F5L E . -1.50 17.33 8.10
C16 F5L E . -2.96 17.92 9.81
C17 F5L E . -1.56 18.38 10.23
C19 F5L E . 3.02 18.53 10.12
C23 F5L E . -3.76 22.17 8.63
C24 F5L E . -5.03 22.20 7.69
C25 F5L E . -6.04 22.04 8.91
C26 F5L E . -7.15 23.06 8.68
C27 F5L E . -8.29 23.08 9.76
C29 F5L E . -10.28 21.34 9.82
C30 F5L E . -10.90 19.91 10.03
C31 F5L E . -11.34 19.21 8.72
C32 F5L E . -12.08 19.93 11.03
C34 F5L E . -7.79 20.72 10.30
C35 F5L E . -6.62 20.67 9.26
C36 F5L E . -4.79 22.34 9.83
N03 F5L E . -0.39 23.58 8.51
N10 F5L E . 1.64 20.32 9.08
N15 F5L E . -2.79 17.03 8.61
N28 F5L E . -8.88 21.71 9.97
O01 F5L E . -1.50 21.92 7.35
O18 F5L E . -1.08 16.74 7.08
O20 F5L E . 3.65 19.46 11.03
O21 F5L E . 0.14 21.48 10.35
O22 F5L E . -2.86 23.28 8.51
O33 F5L E . -11.09 22.25 9.51
C13 F8C F . -0.66 18.40 9.06
C14 F8C F . -1.37 17.27 8.32
C16 F8C F . -2.49 17.38 10.40
C17 F8C F . -1.44 18.49 10.39
C19 F8C F . 3.14 18.72 10.19
O22 F8C F . -2.94 23.10 8.52
N28 F8C F . -9.02 21.66 9.94
C29 F8C F . -10.41 21.28 9.83
C30 F8C F . -11.02 19.85 10.12
C31 F8C F . -11.51 19.11 8.84
C32 F8C F . -12.16 19.91 11.15
C34 F8C F . -7.92 20.69 10.31
C35 F8C F . -6.75 20.61 9.25
C02 F8C F . -1.61 22.68 8.29
C04 F8C F . 0.92 22.96 8.55
C05 F8C F . 1.91 24.02 9.17
C06 F8C F . 2.38 25.12 8.16
C07 F8C F . 3.25 26.18 8.85
C08 F8C F . 3.12 24.54 6.92
C09 F8C F . 0.99 21.64 9.44
C11 F8C F . 1.64 19.21 10.01
C12 F8C F . 0.82 18.03 9.34
C23 F8C F . -3.90 22.05 8.66
C24 F8C F . -5.14 22.10 7.68
C25 F8C F . -6.17 21.97 8.88
C26 F8C F . -7.30 22.96 8.60
C27 F8C F . -8.44 23.02 9.67
C36 F8C F . -4.94 22.31 9.81
N03 F8C F . -0.47 23.53 8.46
N10 F8C F . 1.63 20.41 9.11
N15 F8C F . -2.46 16.67 9.09
O01 F8C F . -1.47 21.49 7.94
O18 F8C F . -1.14 16.86 7.17
O20 F8C F . 3.05 17.42 10.81
O21 F8C F . 0.37 21.67 10.54
O33 F8C F . -11.23 22.16 9.50
#